data_7PRE
#
_entry.id   7PRE
#
_entity_poly.entity_id   1
_entity_poly.type   'polypeptide(L)'
_entity_poly.pdbx_seq_one_letter_code
;GSWGSMENVNYDLLQKQVKYIMDSNMLNLPQFQHLPQEEKMSAILAMLNSNSD
;
_entity_poly.pdbx_strand_id   A
#
# COMPACT_ATOMS: atom_id res chain seq x y z
N GLY A 1 16.80 12.48 -8.36
CA GLY A 1 15.43 12.52 -7.93
C GLY A 1 14.93 11.18 -7.40
N SER A 2 14.81 10.22 -8.31
CA SER A 2 14.34 8.88 -7.94
C SER A 2 13.03 8.96 -7.19
N TRP A 3 12.20 9.94 -7.56
CA TRP A 3 10.89 10.12 -6.93
C TRP A 3 9.98 8.95 -7.22
N GLY A 4 9.21 8.53 -6.22
CA GLY A 4 8.30 7.42 -6.38
C GLY A 4 6.85 7.85 -6.43
N SER A 5 6.56 9.02 -5.86
CA SER A 5 5.21 9.55 -5.83
C SER A 5 4.77 9.99 -7.23
N MET A 6 3.45 10.03 -7.44
CA MET A 6 2.90 10.43 -8.74
C MET A 6 1.60 11.20 -8.55
N GLU A 7 1.11 11.78 -9.64
CA GLU A 7 -0.13 12.55 -9.60
C GLU A 7 -1.21 11.90 -10.47
N ASN A 8 -1.15 10.57 -10.55
CA ASN A 8 -2.12 9.82 -11.35
C ASN A 8 -2.97 8.92 -10.47
N VAL A 9 -2.35 8.35 -9.44
CA VAL A 9 -3.04 7.47 -8.51
C VAL A 9 -3.09 8.06 -7.11
N ASN A 10 -4.21 7.84 -6.43
CA ASN A 10 -4.39 8.35 -5.07
C ASN A 10 -4.48 7.21 -4.06
N TYR A 11 -3.78 7.37 -2.94
CA TYR A 11 -3.78 6.35 -1.89
C TYR A 11 -4.65 6.77 -0.72
N ASP A 12 -4.83 8.08 -0.56
CA ASP A 12 -5.64 8.62 0.52
C ASP A 12 -7.01 7.96 0.56
N LEU A 13 -7.49 7.54 -0.61
CA LEU A 13 -8.79 6.89 -0.71
C LEU A 13 -8.69 5.41 -0.35
N LEU A 14 -7.60 4.77 -0.77
CA LEU A 14 -7.39 3.35 -0.48
C LEU A 14 -7.14 3.14 1.01
N GLN A 15 -6.59 4.15 1.67
CA GLN A 15 -6.30 4.07 3.09
C GLN A 15 -7.59 4.02 3.91
N LYS A 16 -8.56 4.84 3.52
CA LYS A 16 -9.85 4.90 4.20
C LYS A 16 -10.57 3.55 4.14
N GLN A 17 -10.28 2.80 3.07
CA GLN A 17 -10.91 1.49 2.89
C GLN A 17 -10.16 0.42 3.67
N VAL A 18 -8.86 0.30 3.41
CA VAL A 18 -8.03 -0.68 4.09
C VAL A 18 -8.18 -0.57 5.62
N LYS A 19 -8.14 0.66 6.12
CA LYS A 19 -8.28 0.90 7.55
C LYS A 19 -9.60 0.36 8.08
N TYR A 20 -10.61 0.36 7.21
CA TYR A 20 -11.94 -0.13 7.59
C TYR A 20 -12.00 -1.65 7.51
N ILE A 21 -11.32 -2.22 6.51
CA ILE A 21 -11.29 -3.66 6.32
C ILE A 21 -10.47 -4.34 7.40
N MET A 22 -9.44 -3.65 7.88
CA MET A 22 -8.57 -4.18 8.91
C MET A 22 -9.38 -4.58 10.15
N ASP A 23 -10.51 -3.91 10.35
CA ASP A 23 -11.37 -4.19 11.50
C ASP A 23 -12.50 -5.13 11.10
N SER A 24 -12.16 -6.15 10.32
CA SER A 24 -13.14 -7.14 9.86
C SER A 24 -12.46 -8.36 9.28
N ASN A 25 -11.47 -8.13 8.43
CA ASN A 25 -10.73 -9.22 7.79
C ASN A 25 -9.32 -9.32 8.36
N MET A 26 -8.53 -8.27 8.17
CA MET A 26 -7.16 -8.23 8.66
C MET A 26 -6.33 -9.35 8.03
N LEU A 27 -6.69 -9.72 6.80
CA LEU A 27 -5.97 -10.77 6.08
C LEU A 27 -4.51 -10.36 5.82
N ASN A 28 -3.75 -11.28 5.25
CA ASN A 28 -2.35 -11.02 4.94
C ASN A 28 -2.21 -10.16 3.69
N LEU A 29 -2.74 -8.95 3.75
CA LEU A 29 -2.67 -8.02 2.62
C LEU A 29 -3.14 -8.71 1.34
N PRO A 30 -4.44 -9.05 1.28
CA PRO A 30 -5.03 -9.71 0.12
C PRO A 30 -5.12 -8.78 -1.10
N GLN A 31 -5.64 -7.57 -0.88
CA GLN A 31 -5.78 -6.60 -1.95
C GLN A 31 -4.46 -6.41 -2.69
N PHE A 32 -3.54 -5.68 -2.07
CA PHE A 32 -2.23 -5.42 -2.68
C PHE A 32 -2.39 -4.75 -4.04
N GLN A 33 -1.25 -4.37 -4.63
CA GLN A 33 -1.27 -3.71 -5.93
C GLN A 33 0.15 -3.37 -6.37
N HIS A 34 1.10 -4.21 -5.99
CA HIS A 34 2.50 -4.00 -6.36
C HIS A 34 3.39 -5.08 -5.75
N LEU A 35 4.66 -5.07 -6.12
CA LEU A 35 5.62 -6.04 -5.62
C LEU A 35 7.01 -5.80 -6.19
N PRO A 36 8.03 -5.88 -5.32
CA PRO A 36 9.42 -5.67 -5.71
C PRO A 36 9.96 -6.80 -6.60
N GLN A 37 9.74 -8.03 -6.16
CA GLN A 37 10.19 -9.20 -6.92
C GLN A 37 9.81 -10.49 -6.20
N GLU A 38 9.83 -10.46 -4.87
CA GLU A 38 9.49 -11.63 -4.07
C GLU A 38 9.50 -11.30 -2.59
N GLU A 39 8.55 -10.47 -2.15
CA GLU A 39 8.45 -10.09 -0.76
C GLU A 39 7.06 -10.35 -0.21
N LYS A 40 6.06 -9.69 -0.79
CA LYS A 40 4.68 -9.85 -0.36
C LYS A 40 4.47 -9.31 1.05
N MET A 41 3.28 -8.80 1.32
CA MET A 41 2.96 -8.26 2.64
C MET A 41 3.85 -7.06 2.96
N SER A 42 5.09 -7.33 3.37
CA SER A 42 6.03 -6.28 3.71
C SER A 42 6.09 -5.22 2.61
N ALA A 43 5.93 -5.66 1.37
CA ALA A 43 5.96 -4.76 0.23
C ALA A 43 4.94 -3.64 0.38
N ILE A 44 3.82 -3.95 1.03
CA ILE A 44 2.77 -2.97 1.25
C ILE A 44 3.03 -2.15 2.50
N LEU A 45 4.03 -2.57 3.28
CA LEU A 45 4.38 -1.88 4.52
C LEU A 45 5.62 -1.01 4.32
N ALA A 46 6.42 -1.34 3.31
CA ALA A 46 7.63 -0.59 3.01
C ALA A 46 7.32 0.63 2.15
N MET A 47 6.20 0.59 1.45
CA MET A 47 5.78 1.70 0.58
C MET A 47 4.88 2.66 1.33
N LEU A 48 4.23 2.15 2.38
CA LEU A 48 3.33 2.98 3.19
C LEU A 48 4.03 3.49 4.44
N ASN A 49 4.49 2.56 5.28
CA ASN A 49 5.19 2.93 6.51
C ASN A 49 6.50 3.64 6.20
N SER A 50 7.10 3.30 5.07
CA SER A 50 8.37 3.92 4.67
C SER A 50 8.19 4.70 3.37
N ASN A 51 8.61 5.95 3.38
CA ASN A 51 8.50 6.80 2.20
C ASN A 51 9.88 7.28 1.75
N SER A 52 10.06 7.38 0.43
CA SER A 52 11.34 7.82 -0.13
C SER A 52 11.20 9.18 -0.80
N ASP A 53 11.25 10.24 0.01
CA ASP A 53 11.13 11.60 -0.50
C ASP A 53 12.35 11.97 -1.35
N GLY A 1 14.07 10.35 -1.23
CA GLY A 1 14.04 8.94 -0.88
C GLY A 1 13.92 8.05 -2.10
N SER A 2 13.04 8.43 -3.03
CA SER A 2 12.83 7.65 -4.24
C SER A 2 12.40 8.55 -5.40
N TRP A 3 13.36 8.92 -6.24
CA TRP A 3 13.08 9.78 -7.38
C TRP A 3 12.44 8.98 -8.52
N GLY A 4 11.68 9.67 -9.36
CA GLY A 4 11.03 9.01 -10.48
C GLY A 4 9.53 8.86 -10.27
N SER A 5 8.90 9.90 -9.76
CA SER A 5 7.46 9.87 -9.51
C SER A 5 6.93 11.28 -9.28
N MET A 6 5.79 11.58 -9.89
CA MET A 6 5.16 12.89 -9.75
C MET A 6 3.72 12.87 -10.24
N GLU A 7 3.01 11.79 -9.92
CA GLU A 7 1.62 11.64 -10.32
C GLU A 7 0.67 12.12 -9.23
N ASN A 8 -0.55 12.46 -9.61
CA ASN A 8 -1.55 12.94 -8.66
C ASN A 8 -2.26 11.76 -7.98
N VAL A 9 -2.26 11.77 -6.65
CA VAL A 9 -2.90 10.71 -5.88
C VAL A 9 -2.93 11.05 -4.41
N ASN A 10 -4.05 10.74 -3.75
CA ASN A 10 -4.21 11.01 -2.33
C ASN A 10 -4.22 9.71 -1.52
N TYR A 11 -3.04 9.26 -1.12
CA TYR A 11 -2.91 8.03 -0.35
C TYR A 11 -3.77 8.09 0.91
N ASP A 12 -4.00 9.30 1.39
CA ASP A 12 -4.81 9.50 2.60
C ASP A 12 -6.14 8.78 2.49
N LEU A 13 -6.65 8.66 1.27
CA LEU A 13 -7.92 8.00 1.02
C LEU A 13 -7.74 6.48 0.99
N LEU A 14 -6.64 6.03 0.41
CA LEU A 14 -6.36 4.60 0.32
C LEU A 14 -6.06 4.02 1.71
N GLN A 15 -5.36 4.78 2.53
CA GLN A 15 -5.02 4.35 3.88
C GLN A 15 -6.27 4.00 4.67
N LYS A 16 -7.28 4.87 4.57
CA LYS A 16 -8.54 4.66 5.28
C LYS A 16 -9.17 3.32 4.89
N GLN A 17 -9.16 3.02 3.60
CA GLN A 17 -9.73 1.77 3.11
C GLN A 17 -8.95 0.58 3.64
N VAL A 18 -7.64 0.58 3.42
CA VAL A 18 -6.78 -0.50 3.88
C VAL A 18 -7.01 -0.80 5.36
N LYS A 19 -6.95 0.25 6.18
CA LYS A 19 -7.15 0.10 7.62
C LYS A 19 -8.49 -0.56 7.91
N TYR A 20 -9.45 -0.39 7.02
CA TYR A 20 -10.77 -0.98 7.19
C TYR A 20 -10.78 -2.43 6.73
N ILE A 21 -10.13 -2.69 5.61
CA ILE A 21 -10.06 -4.05 5.06
C ILE A 21 -9.31 -4.98 6.01
N MET A 22 -8.24 -4.48 6.60
CA MET A 22 -7.43 -5.27 7.53
C MET A 22 -8.07 -5.30 8.92
N ASP A 23 -9.26 -5.88 9.01
CA ASP A 23 -9.98 -5.97 10.27
C ASP A 23 -11.05 -7.06 10.22
N SER A 24 -11.77 -7.11 9.11
CA SER A 24 -12.82 -8.10 8.94
C SER A 24 -12.24 -9.46 8.60
N ASN A 25 -11.31 -9.48 7.64
CA ASN A 25 -10.68 -10.72 7.22
C ASN A 25 -9.22 -10.78 7.69
N MET A 26 -8.60 -11.94 7.55
CA MET A 26 -7.21 -12.13 7.96
C MET A 26 -6.40 -12.78 6.86
N LEU A 27 -6.81 -12.55 5.61
CA LEU A 27 -6.12 -13.13 4.46
C LEU A 27 -4.75 -12.48 4.28
N ASN A 28 -4.05 -12.89 3.23
CA ASN A 28 -2.72 -12.35 2.94
C ASN A 28 -2.82 -11.00 2.24
N LEU A 29 -3.43 -10.03 2.91
CA LEU A 29 -3.59 -8.69 2.36
C LEU A 29 -4.27 -8.75 1.00
N PRO A 30 -5.60 -8.91 1.01
CA PRO A 30 -6.40 -8.98 -0.22
C PRO A 30 -6.47 -7.64 -0.94
N GLN A 31 -5.33 -7.20 -1.49
CA GLN A 31 -5.27 -5.93 -2.19
C GLN A 31 -3.86 -5.66 -2.71
N PHE A 32 -3.17 -6.72 -3.08
CA PHE A 32 -1.80 -6.61 -3.59
C PHE A 32 -1.80 -6.41 -5.10
N GLN A 33 -0.60 -6.27 -5.67
CA GLN A 33 -0.46 -6.08 -7.11
C GLN A 33 1.00 -6.07 -7.52
N HIS A 34 1.82 -6.84 -6.80
CA HIS A 34 3.25 -6.92 -7.09
C HIS A 34 3.94 -7.89 -6.13
N LEU A 35 5.00 -8.53 -6.61
CA LEU A 35 5.75 -9.48 -5.81
C LEU A 35 6.98 -9.98 -6.55
N PRO A 36 8.02 -9.13 -6.60
CA PRO A 36 9.28 -9.46 -7.28
C PRO A 36 10.07 -10.53 -6.54
N GLN A 37 10.24 -10.34 -5.23
CA GLN A 37 10.97 -11.30 -4.41
C GLN A 37 11.00 -10.85 -2.95
N GLU A 38 10.53 -11.73 -2.07
CA GLU A 38 10.50 -11.42 -0.64
C GLU A 38 9.82 -10.08 -0.38
N GLU A 39 8.49 -10.10 -0.28
CA GLU A 39 7.73 -8.88 -0.04
C GLU A 39 6.24 -9.19 0.06
N LYS A 40 5.79 -9.52 1.26
CA LYS A 40 4.38 -9.83 1.49
C LYS A 40 3.84 -9.08 2.71
N MET A 41 2.61 -8.58 2.60
CA MET A 41 1.98 -7.84 3.68
C MET A 41 2.72 -6.54 3.96
N SER A 42 3.88 -6.64 4.61
CA SER A 42 4.68 -5.47 4.93
C SER A 42 4.84 -4.57 3.71
N ALA A 43 5.04 -5.19 2.54
CA ALA A 43 5.21 -4.45 1.31
C ALA A 43 4.04 -3.50 1.07
N ILE A 44 2.84 -3.95 1.43
CA ILE A 44 1.64 -3.13 1.25
C ILE A 44 1.41 -2.22 2.46
N LEU A 45 2.26 -2.37 3.47
CA LEU A 45 2.16 -1.55 4.67
C LEU A 45 3.24 -0.47 4.69
N ALA A 46 4.30 -0.68 3.92
CA ALA A 46 5.39 0.28 3.85
C ALA A 46 5.35 1.05 2.53
N MET A 47 4.56 0.56 1.58
CA MET A 47 4.44 1.21 0.28
C MET A 47 3.38 2.30 0.31
N LEU A 48 2.34 2.09 1.11
CA LEU A 48 1.26 3.05 1.23
C LEU A 48 1.79 4.44 1.58
N ASN A 49 2.92 4.47 2.27
CA ASN A 49 3.55 5.73 2.66
C ASN A 49 4.48 6.24 1.56
N SER A 50 5.43 5.41 1.17
CA SER A 50 6.38 5.79 0.12
C SER A 50 5.67 6.03 -1.20
N ASN A 51 5.43 7.30 -1.51
CA ASN A 51 4.75 7.68 -2.74
C ASN A 51 4.91 9.16 -3.02
N SER A 52 4.36 9.61 -4.15
CA SER A 52 4.44 11.02 -4.54
C SER A 52 3.10 11.52 -5.08
N ASP A 53 2.51 12.49 -4.38
CA ASP A 53 1.24 13.05 -4.80
C ASP A 53 1.42 14.08 -5.91
N GLY A 1 12.18 17.26 -6.29
CA GLY A 1 11.49 17.92 -7.38
C GLY A 1 10.13 17.32 -7.66
N SER A 2 9.10 18.16 -7.70
CA SER A 2 7.75 17.70 -7.96
C SER A 2 7.50 17.56 -9.45
N TRP A 3 7.46 18.68 -10.15
CA TRP A 3 7.23 18.68 -11.60
C TRP A 3 5.91 18.00 -11.94
N GLY A 4 4.83 18.44 -11.29
CA GLY A 4 3.52 17.85 -11.55
C GLY A 4 2.70 17.73 -10.28
N SER A 5 1.96 16.63 -10.17
CA SER A 5 1.13 16.39 -9.00
C SER A 5 1.41 15.02 -8.40
N MET A 6 1.51 14.97 -7.07
CA MET A 6 1.77 13.73 -6.36
C MET A 6 0.53 13.23 -5.63
N GLU A 7 -0.35 14.16 -5.27
CA GLU A 7 -1.58 13.81 -4.57
C GLU A 7 -2.73 13.63 -5.54
N ASN A 8 -3.63 12.71 -5.23
CA ASN A 8 -4.79 12.44 -6.08
C ASN A 8 -4.34 12.03 -7.48
N VAL A 9 -3.78 10.83 -7.60
CA VAL A 9 -3.32 10.32 -8.89
C VAL A 9 -3.95 8.98 -9.20
N ASN A 10 -4.08 8.13 -8.20
CA ASN A 10 -4.66 6.81 -8.37
C ASN A 10 -4.72 6.06 -7.05
N TYR A 11 -3.55 5.82 -6.46
CA TYR A 11 -3.46 5.11 -5.20
C TYR A 11 -4.24 5.83 -4.10
N ASP A 12 -4.44 7.13 -4.29
CA ASP A 12 -5.18 7.94 -3.33
C ASP A 12 -6.53 7.31 -3.01
N LEU A 13 -7.09 6.60 -3.98
CA LEU A 13 -8.38 5.95 -3.80
C LEU A 13 -8.22 4.62 -3.07
N LEU A 14 -7.16 3.89 -3.40
CA LEU A 14 -6.89 2.60 -2.76
C LEU A 14 -6.53 2.77 -1.29
N GLN A 15 -5.76 3.83 -1.00
CA GLN A 15 -5.35 4.12 0.37
C GLN A 15 -6.56 4.34 1.27
N LYS A 16 -7.58 5.01 0.74
CA LYS A 16 -8.80 5.30 1.49
C LYS A 16 -9.42 4.02 2.02
N GLN A 17 -9.21 2.92 1.30
CA GLN A 17 -9.75 1.63 1.70
C GLN A 17 -8.75 0.87 2.58
N VAL A 18 -7.52 0.74 2.10
CA VAL A 18 -6.48 0.04 2.83
C VAL A 18 -6.35 0.58 4.25
N LYS A 19 -6.30 1.90 4.38
CA LYS A 19 -6.19 2.55 5.68
C LYS A 19 -7.35 2.15 6.59
N TYR A 20 -8.49 1.82 5.98
CA TYR A 20 -9.66 1.43 6.73
C TYR A 20 -9.62 -0.05 7.08
N ILE A 21 -9.03 -0.84 6.19
CA ILE A 21 -8.92 -2.28 6.39
C ILE A 21 -7.80 -2.61 7.38
N MET A 22 -6.80 -1.74 7.44
CA MET A 22 -5.67 -1.94 8.34
C MET A 22 -6.15 -2.20 9.76
N ASP A 23 -7.26 -1.58 10.12
CA ASP A 23 -7.82 -1.74 11.46
C ASP A 23 -8.80 -2.91 11.50
N SER A 24 -9.39 -3.21 10.35
CA SER A 24 -10.35 -4.31 10.25
C SER A 24 -9.65 -5.63 9.99
N ASN A 25 -10.43 -6.67 9.68
CA ASN A 25 -9.87 -7.99 9.39
C ASN A 25 -9.01 -7.96 8.13
N MET A 26 -7.71 -8.16 8.32
CA MET A 26 -6.77 -8.16 7.20
C MET A 26 -7.02 -9.36 6.28
N LEU A 27 -7.48 -10.46 6.87
CA LEU A 27 -7.75 -11.68 6.12
C LEU A 27 -6.45 -12.30 5.62
N ASN A 28 -5.86 -11.70 4.59
CA ASN A 28 -4.62 -12.20 4.02
C ASN A 28 -4.10 -11.26 2.95
N LEU A 29 -4.24 -9.96 3.19
CA LEU A 29 -3.78 -8.95 2.24
C LEU A 29 -4.32 -9.22 0.84
N PRO A 30 -5.62 -8.96 0.65
CA PRO A 30 -6.29 -9.18 -0.64
C PRO A 30 -5.83 -8.18 -1.70
N GLN A 31 -5.83 -6.90 -1.34
CA GLN A 31 -5.40 -5.86 -2.26
C GLN A 31 -3.89 -5.84 -2.42
N PHE A 32 -3.36 -6.87 -3.08
CA PHE A 32 -1.93 -6.97 -3.30
C PHE A 32 -1.57 -6.66 -4.74
N GLN A 33 -0.31 -6.32 -4.99
CA GLN A 33 0.16 -5.99 -6.33
C GLN A 33 1.65 -5.69 -6.33
N HIS A 34 2.43 -6.61 -5.78
CA HIS A 34 3.88 -6.45 -5.72
C HIS A 34 4.53 -7.65 -5.03
N LEU A 35 5.07 -8.56 -5.84
CA LEU A 35 5.73 -9.75 -5.32
C LEU A 35 6.97 -10.10 -6.13
N PRO A 36 8.10 -9.48 -5.79
CA PRO A 36 9.37 -9.70 -6.47
C PRO A 36 9.94 -11.09 -6.20
N GLN A 37 10.01 -11.46 -4.92
CA GLN A 37 10.52 -12.77 -4.53
C GLN A 37 10.53 -12.91 -3.01
N GLU A 38 9.67 -13.79 -2.50
CA GLU A 38 9.58 -14.02 -1.06
C GLU A 38 9.42 -12.71 -0.31
N GLU A 39 8.18 -12.27 -0.14
CA GLU A 39 7.89 -11.02 0.57
C GLU A 39 6.39 -10.78 0.66
N LYS A 40 5.62 -11.87 0.77
CA LYS A 40 4.17 -11.78 0.87
C LYS A 40 3.76 -11.15 2.20
N MET A 41 2.66 -10.41 2.18
CA MET A 41 2.15 -9.75 3.38
C MET A 41 3.06 -8.60 3.80
N SER A 42 4.28 -8.94 4.24
CA SER A 42 5.24 -7.94 4.67
C SER A 42 5.34 -6.81 3.64
N ALA A 43 5.37 -7.17 2.37
CA ALA A 43 5.46 -6.18 1.29
C ALA A 43 4.35 -5.14 1.41
N ILE A 44 3.16 -5.59 1.78
CA ILE A 44 2.01 -4.70 1.93
C ILE A 44 1.99 -4.06 3.30
N LEU A 45 2.93 -4.46 4.15
CA LEU A 45 3.02 -3.92 5.51
C LEU A 45 4.21 -2.97 5.63
N ALA A 46 5.12 -3.03 4.67
CA ALA A 46 6.29 -2.17 4.68
C ALA A 46 6.09 -0.96 3.78
N MET A 47 5.29 -1.12 2.72
CA MET A 47 5.01 -0.04 1.80
C MET A 47 4.31 1.12 2.50
N LEU A 48 3.53 0.80 3.53
CA LEU A 48 2.80 1.80 4.28
C LEU A 48 3.74 2.60 5.17
N ASN A 49 4.71 1.91 5.76
CA ASN A 49 5.68 2.55 6.64
C ASN A 49 6.42 3.67 5.91
N SER A 50 7.06 3.32 4.80
CA SER A 50 7.81 4.29 4.01
C SER A 50 8.86 4.98 4.86
N ASN A 51 10.00 4.32 5.03
CA ASN A 51 11.09 4.87 5.83
C ASN A 51 12.42 4.76 5.08
N SER A 52 13.12 5.88 4.96
CA SER A 52 14.40 5.90 4.27
C SER A 52 15.48 5.18 5.08
N ASP A 53 16.44 4.58 4.38
CA ASP A 53 17.52 3.86 5.03
C ASP A 53 16.97 2.70 5.86
N GLY A 1 5.83 21.98 -4.80
CA GLY A 1 4.71 21.65 -3.93
C GLY A 1 5.13 21.57 -2.47
N SER A 2 4.15 21.64 -1.58
CA SER A 2 4.41 21.59 -0.14
C SER A 2 4.57 20.14 0.32
N TRP A 3 3.68 19.28 -0.16
CA TRP A 3 3.72 17.87 0.21
C TRP A 3 4.42 17.04 -0.87
N GLY A 4 4.13 17.36 -2.13
CA GLY A 4 4.74 16.64 -3.23
C GLY A 4 3.77 15.68 -3.89
N SER A 5 3.25 16.07 -5.05
CA SER A 5 2.30 15.24 -5.79
C SER A 5 1.93 15.87 -7.12
N MET A 6 2.11 15.12 -8.20
CA MET A 6 1.80 15.61 -9.54
C MET A 6 1.85 14.49 -10.56
N GLU A 7 3.03 13.88 -10.71
CA GLU A 7 3.21 12.79 -11.66
C GLU A 7 2.44 11.55 -11.21
N ASN A 8 2.27 11.39 -9.90
CA ASN A 8 1.55 10.25 -9.35
C ASN A 8 0.37 10.72 -8.51
N VAL A 9 -0.84 10.56 -9.05
CA VAL A 9 -2.05 10.95 -8.35
C VAL A 9 -3.12 9.88 -8.45
N ASN A 10 -2.69 8.61 -8.39
CA ASN A 10 -3.61 7.48 -8.47
C ASN A 10 -3.61 6.69 -7.16
N TYR A 11 -2.48 6.71 -6.47
CA TYR A 11 -2.34 5.98 -5.21
C TYR A 11 -3.30 6.52 -4.17
N ASP A 12 -3.69 7.78 -4.33
CA ASP A 12 -4.62 8.42 -3.40
C ASP A 12 -5.86 7.56 -3.19
N LEU A 13 -6.23 6.81 -4.21
CA LEU A 13 -7.41 5.94 -4.14
C LEU A 13 -7.08 4.63 -3.43
N LEU A 14 -5.89 4.10 -3.69
CA LEU A 14 -5.44 2.86 -3.08
C LEU A 14 -5.22 3.04 -1.59
N GLN A 15 -4.38 4.01 -1.24
CA GLN A 15 -4.07 4.29 0.16
C GLN A 15 -5.34 4.55 0.95
N LYS A 16 -6.32 5.18 0.32
CA LYS A 16 -7.58 5.49 0.97
C LYS A 16 -8.27 4.22 1.46
N GLN A 17 -8.07 3.12 0.73
CA GLN A 17 -8.66 1.84 1.09
C GLN A 17 -7.74 1.07 2.04
N VAL A 18 -6.48 0.92 1.65
CA VAL A 18 -5.52 0.21 2.47
C VAL A 18 -5.48 0.76 3.88
N LYS A 19 -5.40 2.08 4.01
CA LYS A 19 -5.37 2.73 5.31
C LYS A 19 -6.57 2.33 6.15
N TYR A 20 -7.72 2.19 5.51
CA TYR A 20 -8.95 1.82 6.20
C TYR A 20 -8.90 0.35 6.60
N ILE A 21 -8.33 -0.49 5.75
CA ILE A 21 -8.23 -1.92 6.02
C ILE A 21 -7.18 -2.20 7.09
N MET A 22 -6.21 -1.30 7.21
CA MET A 22 -5.15 -1.45 8.21
C MET A 22 -5.74 -1.64 9.60
N ASP A 23 -6.92 -1.11 9.82
CA ASP A 23 -7.59 -1.22 11.11
C ASP A 23 -7.77 -2.68 11.51
N SER A 24 -7.92 -3.54 10.51
CA SER A 24 -8.11 -4.97 10.75
C SER A 24 -6.93 -5.76 10.21
N ASN A 25 -6.85 -5.89 8.90
CA ASN A 25 -5.77 -6.63 8.26
C ASN A 25 -5.75 -8.08 8.73
N MET A 26 -6.38 -8.96 7.95
CA MET A 26 -6.43 -10.38 8.29
C MET A 26 -5.74 -11.21 7.22
N LEU A 27 -5.58 -12.51 7.50
CA LEU A 27 -4.93 -13.42 6.57
C LEU A 27 -3.50 -12.96 6.28
N ASN A 28 -2.79 -13.74 5.47
CA ASN A 28 -1.41 -13.42 5.11
C ASN A 28 -1.36 -12.34 4.04
N LEU A 29 -1.85 -11.16 4.39
CA LEU A 29 -1.86 -10.03 3.46
C LEU A 29 -2.47 -10.43 2.12
N PRO A 30 -3.78 -10.75 2.14
CA PRO A 30 -4.51 -11.15 0.93
C PRO A 30 -4.69 -10.00 -0.05
N GLN A 31 -4.90 -8.80 0.48
CA GLN A 31 -5.09 -7.62 -0.35
C GLN A 31 -3.89 -7.39 -1.27
N PHE A 32 -2.88 -6.72 -0.74
CA PHE A 32 -1.67 -6.44 -1.51
C PHE A 32 -2.02 -5.74 -2.83
N GLN A 33 -0.99 -5.48 -3.64
CA GLN A 33 -1.19 -4.81 -4.92
C GLN A 33 0.14 -4.57 -5.61
N HIS A 34 1.10 -5.47 -5.40
CA HIS A 34 2.42 -5.34 -6.00
C HIS A 34 3.03 -6.71 -6.26
N LEU A 35 3.39 -7.41 -5.19
CA LEU A 35 3.99 -8.74 -5.29
C LEU A 35 2.96 -9.76 -5.74
N PRO A 36 3.44 -10.82 -6.42
CA PRO A 36 2.57 -11.89 -6.92
C PRO A 36 2.00 -12.74 -5.78
N GLN A 37 1.45 -13.90 -6.15
CA GLN A 37 0.87 -14.81 -5.16
C GLN A 37 1.86 -15.11 -4.05
N GLU A 38 3.15 -15.02 -4.37
CA GLU A 38 4.20 -15.28 -3.38
C GLU A 38 4.91 -13.99 -2.99
N GLU A 39 5.74 -14.07 -1.95
CA GLU A 39 6.48 -12.90 -1.47
C GLU A 39 5.53 -11.77 -1.12
N LYS A 40 4.28 -12.11 -0.82
CA LYS A 40 3.27 -11.12 -0.45
C LYS A 40 3.12 -11.04 1.07
N MET A 41 3.94 -10.20 1.69
CA MET A 41 3.89 -10.02 3.14
C MET A 41 4.90 -8.97 3.59
N SER A 42 6.17 -9.36 3.61
CA SER A 42 7.24 -8.44 4.03
C SER A 42 7.19 -7.14 3.23
N ALA A 43 6.85 -7.25 1.95
CA ALA A 43 6.76 -6.09 1.08
C ALA A 43 5.75 -5.08 1.62
N ILE A 44 4.70 -5.60 2.25
CA ILE A 44 3.65 -4.75 2.81
C ILE A 44 3.97 -4.33 4.24
N LEU A 45 5.04 -4.91 4.78
CA LEU A 45 5.46 -4.60 6.15
C LEU A 45 6.68 -3.69 6.15
N ALA A 46 7.38 -3.65 5.02
CA ALA A 46 8.56 -2.81 4.89
C ALA A 46 8.28 -1.59 4.02
N MET A 47 7.11 -1.59 3.38
CA MET A 47 6.73 -0.48 2.51
C MET A 47 5.99 0.59 3.31
N LEU A 48 5.23 0.17 4.31
CA LEU A 48 4.48 1.10 5.14
C LEU A 48 5.40 2.10 5.82
N ASN A 49 6.47 1.58 6.43
CA ASN A 49 7.44 2.44 7.13
C ASN A 49 8.07 3.43 6.17
N SER A 50 8.34 2.98 4.94
CA SER A 50 8.93 3.83 3.93
C SER A 50 8.06 5.05 3.65
N ASN A 51 8.64 6.03 2.96
CA ASN A 51 7.90 7.25 2.62
C ASN A 51 8.38 7.82 1.30
N SER A 52 7.83 7.30 0.20
CA SER A 52 8.21 7.75 -1.13
C SER A 52 7.18 8.75 -1.67
N ASP A 53 7.66 9.95 -1.97
CA ASP A 53 6.79 11.01 -2.50
C ASP A 53 5.68 11.34 -1.51
N GLY A 1 8.26 7.62 -10.87
CA GLY A 1 9.60 7.43 -10.35
C GLY A 1 9.97 5.97 -10.26
N SER A 2 10.79 5.63 -9.26
CA SER A 2 11.23 4.25 -9.06
C SER A 2 10.67 3.67 -7.78
N TRP A 3 10.75 4.45 -6.70
CA TRP A 3 10.24 4.02 -5.40
C TRP A 3 8.96 4.75 -5.05
N GLY A 4 8.84 5.99 -5.51
CA GLY A 4 7.65 6.77 -5.23
C GLY A 4 6.64 6.72 -6.36
N SER A 5 5.36 6.86 -6.02
CA SER A 5 4.29 6.83 -7.01
C SER A 5 4.39 8.02 -7.96
N MET A 6 3.45 8.11 -8.89
CA MET A 6 3.43 9.20 -9.86
C MET A 6 2.17 10.05 -9.69
N GLU A 7 1.02 9.42 -9.86
CA GLU A 7 -0.26 10.13 -9.72
C GLU A 7 -1.14 9.46 -8.68
N ASN A 8 -0.51 8.82 -7.70
CA ASN A 8 -1.23 8.14 -6.64
C ASN A 8 -0.75 8.61 -5.27
N VAL A 9 -0.68 9.93 -5.08
CA VAL A 9 -0.24 10.49 -3.82
C VAL A 9 -1.35 10.45 -2.77
N ASN A 10 -2.59 10.46 -3.24
CA ASN A 10 -3.74 10.42 -2.35
C ASN A 10 -3.88 9.05 -1.69
N TYR A 11 -3.70 9.01 -0.37
CA TYR A 11 -3.80 7.77 0.37
C TYR A 11 -5.03 7.76 1.27
N ASP A 12 -5.50 8.95 1.61
CA ASP A 12 -6.68 9.09 2.47
C ASP A 12 -7.84 8.26 1.92
N LEU A 13 -7.88 8.10 0.60
CA LEU A 13 -8.95 7.33 -0.04
C LEU A 13 -8.66 5.84 0.02
N LEU A 14 -7.39 5.48 -0.14
CA LEU A 14 -6.98 4.08 -0.10
C LEU A 14 -7.12 3.51 1.31
N GLN A 15 -6.53 4.20 2.28
CA GLN A 15 -6.60 3.77 3.68
C GLN A 15 -8.05 3.52 4.10
N LYS A 16 -8.95 4.33 3.56
CA LYS A 16 -10.37 4.20 3.89
C LYS A 16 -10.87 2.78 3.61
N GLN A 17 -10.30 2.15 2.60
CA GLN A 17 -10.67 0.79 2.22
C GLN A 17 -9.81 -0.24 2.94
N VAL A 18 -8.49 -0.04 2.89
CA VAL A 18 -7.55 -0.94 3.53
C VAL A 18 -7.92 -1.16 5.00
N LYS A 19 -8.13 -0.07 5.72
CA LYS A 19 -8.49 -0.15 7.13
C LYS A 19 -9.72 -1.00 7.33
N TYR A 20 -10.62 -0.99 6.35
CA TYR A 20 -11.85 -1.77 6.42
C TYR A 20 -11.59 -3.23 6.09
N ILE A 21 -10.80 -3.46 5.04
CA ILE A 21 -10.47 -4.81 4.62
C ILE A 21 -9.60 -5.52 5.66
N MET A 22 -8.88 -4.73 6.45
CA MET A 22 -8.02 -5.29 7.50
C MET A 22 -8.83 -5.63 8.74
N ASP A 23 -9.79 -4.79 9.08
CA ASP A 23 -10.64 -5.02 10.24
C ASP A 23 -11.36 -6.36 10.14
N SER A 24 -11.80 -6.70 8.94
CA SER A 24 -12.52 -7.95 8.71
C SER A 24 -11.61 -9.15 9.02
N ASN A 25 -10.48 -9.22 8.35
CA ASN A 25 -9.52 -10.31 8.56
C ASN A 25 -8.10 -9.78 8.64
N MET A 26 -7.28 -10.44 9.45
CA MET A 26 -5.88 -10.04 9.61
C MET A 26 -4.97 -10.90 8.74
N LEU A 27 -5.37 -11.10 7.48
CA LEU A 27 -4.60 -11.90 6.55
C LEU A 27 -3.35 -11.13 6.08
N ASN A 28 -2.56 -11.77 5.22
CA ASN A 28 -1.35 -11.15 4.70
C ASN A 28 -1.68 -10.15 3.60
N LEU A 29 -2.46 -9.13 3.94
CA LEU A 29 -2.86 -8.11 2.98
C LEU A 29 -3.45 -8.73 1.73
N PRO A 30 -4.73 -9.12 1.81
CA PRO A 30 -5.45 -9.74 0.69
C PRO A 30 -5.71 -8.75 -0.44
N GLN A 31 -5.47 -7.47 -0.18
CA GLN A 31 -5.68 -6.43 -1.17
C GLN A 31 -4.36 -5.91 -1.70
N PHE A 32 -3.70 -6.70 -2.55
CA PHE A 32 -2.42 -6.30 -3.12
C PHE A 32 -2.57 -5.95 -4.60
N GLN A 33 -1.45 -5.74 -5.26
CA GLN A 33 -1.46 -5.38 -6.68
C GLN A 33 -0.03 -5.21 -7.20
N HIS A 34 0.86 -4.71 -6.35
CA HIS A 34 2.25 -4.49 -6.72
C HIS A 34 3.17 -5.38 -5.91
N LEU A 35 4.28 -5.80 -6.51
CA LEU A 35 5.26 -6.65 -5.85
C LEU A 35 6.65 -6.45 -6.44
N PRO A 36 7.32 -5.38 -5.99
CA PRO A 36 8.67 -5.05 -6.45
C PRO A 36 9.72 -6.04 -5.93
N GLN A 37 10.41 -6.70 -6.86
CA GLN A 37 11.43 -7.67 -6.51
C GLN A 37 10.81 -8.89 -5.84
N GLU A 38 10.49 -8.76 -4.56
CA GLU A 38 9.89 -9.85 -3.81
C GLU A 38 9.53 -9.41 -2.39
N GLU A 39 8.56 -8.52 -2.29
CA GLU A 39 8.11 -8.01 -1.00
C GLU A 39 6.62 -8.24 -0.80
N LYS A 40 6.25 -8.88 0.30
CA LYS A 40 4.86 -9.15 0.60
C LYS A 40 4.41 -8.41 1.85
N MET A 41 3.16 -7.96 1.86
CA MET A 41 2.61 -7.23 2.99
C MET A 41 3.31 -5.89 3.17
N SER A 42 4.53 -5.93 3.71
CA SER A 42 5.30 -4.70 3.93
C SER A 42 5.37 -3.87 2.66
N ALA A 43 5.41 -4.54 1.51
CA ALA A 43 5.48 -3.86 0.22
C ALA A 43 4.32 -2.89 0.06
N ILE A 44 3.18 -3.22 0.66
CA ILE A 44 1.99 -2.37 0.58
C ILE A 44 1.99 -1.33 1.69
N LEU A 45 3.00 -1.38 2.54
CA LEU A 45 3.11 -0.45 3.65
C LEU A 45 4.30 0.50 3.45
N ALA A 46 5.24 0.08 2.62
CA ALA A 46 6.42 0.90 2.34
C ALA A 46 6.15 1.89 1.21
N MET A 47 5.28 1.51 0.29
CA MET A 47 4.93 2.36 -0.84
C MET A 47 4.24 3.64 -0.35
N LEU A 48 3.56 3.54 0.78
CA LEU A 48 2.85 4.69 1.34
C LEU A 48 3.82 5.80 1.70
N ASN A 49 4.92 5.44 2.36
CA ASN A 49 5.93 6.41 2.76
C ASN A 49 6.46 7.18 1.55
N SER A 50 6.79 6.45 0.49
CA SER A 50 7.31 7.06 -0.73
C SER A 50 8.64 7.77 -0.45
N ASN A 51 9.32 8.15 -1.52
CA ASN A 51 10.61 8.84 -1.40
C ASN A 51 10.40 10.35 -1.30
N SER A 52 11.13 10.98 -0.39
CA SER A 52 11.02 12.42 -0.18
C SER A 52 12.36 13.11 -0.46
N ASP A 53 12.30 14.39 -0.80
CA ASP A 53 13.51 15.16 -1.09
C ASP A 53 13.19 16.65 -1.20
N GLY A 1 15.75 11.63 -13.52
CA GLY A 1 14.30 11.79 -13.53
C GLY A 1 13.86 13.07 -12.84
N SER A 2 12.80 13.67 -13.36
CA SER A 2 12.28 14.91 -12.78
C SER A 2 11.10 14.62 -11.87
N TRP A 3 10.34 13.59 -12.19
CA TRP A 3 9.17 13.22 -11.40
C TRP A 3 8.81 11.75 -11.61
N GLY A 4 8.73 10.99 -10.53
CA GLY A 4 8.39 9.58 -10.62
C GLY A 4 6.92 9.32 -10.44
N SER A 5 6.58 8.37 -9.58
CA SER A 5 5.18 8.03 -9.33
C SER A 5 4.93 7.82 -7.84
N MET A 6 5.57 6.80 -7.27
CA MET A 6 5.43 6.49 -5.86
C MET A 6 3.97 6.16 -5.53
N GLU A 7 3.54 4.96 -5.91
CA GLU A 7 2.18 4.52 -5.65
C GLU A 7 1.17 5.49 -6.24
N ASN A 8 1.49 6.04 -7.41
CA ASN A 8 0.62 6.99 -8.08
C ASN A 8 0.44 8.25 -7.24
N VAL A 9 -0.03 9.32 -7.89
CA VAL A 9 -0.24 10.59 -7.20
C VAL A 9 -1.58 10.59 -6.46
N ASN A 10 -2.54 9.84 -6.99
CA ASN A 10 -3.87 9.76 -6.37
C ASN A 10 -3.95 8.58 -5.41
N TYR A 11 -3.05 8.57 -4.42
CA TYR A 11 -3.02 7.51 -3.43
C TYR A 11 -3.93 7.83 -2.25
N ASP A 12 -4.19 9.12 -2.05
CA ASP A 12 -5.05 9.57 -0.97
C ASP A 12 -6.39 8.82 -0.99
N LEU A 13 -6.82 8.42 -2.18
CA LEU A 13 -8.08 7.70 -2.33
C LEU A 13 -7.90 6.22 -2.03
N LEU A 14 -6.76 5.67 -2.45
CA LEU A 14 -6.47 4.26 -2.22
C LEU A 14 -6.24 3.99 -0.74
N GLN A 15 -5.35 4.76 -0.13
CA GLN A 15 -5.05 4.61 1.29
C GLN A 15 -6.31 4.72 2.13
N LYS A 16 -7.24 5.57 1.70
CA LYS A 16 -8.48 5.77 2.42
C LYS A 16 -9.28 4.48 2.50
N GLN A 17 -9.31 3.73 1.40
CA GLN A 17 -10.03 2.46 1.36
C GLN A 17 -9.26 1.36 2.08
N VAL A 18 -7.99 1.21 1.71
CA VAL A 18 -7.13 0.19 2.32
C VAL A 18 -7.15 0.31 3.84
N LYS A 19 -6.93 1.52 4.33
CA LYS A 19 -6.92 1.78 5.76
C LYS A 19 -8.19 1.25 6.43
N TYR A 20 -9.31 1.37 5.72
CA TYR A 20 -10.59 0.90 6.24
C TYR A 20 -10.70 -0.62 6.14
N ILE A 21 -10.43 -1.15 4.96
CA ILE A 21 -10.50 -2.59 4.73
C ILE A 21 -9.61 -3.34 5.71
N MET A 22 -8.46 -2.76 6.03
CA MET A 22 -7.53 -3.38 6.97
C MET A 22 -7.96 -3.12 8.41
N ASP A 23 -9.15 -3.58 8.76
CA ASP A 23 -9.67 -3.40 10.10
C ASP A 23 -10.38 -4.67 10.58
N SER A 24 -11.25 -5.22 9.74
CA SER A 24 -11.98 -6.42 10.08
C SER A 24 -11.53 -7.61 9.24
N ASN A 25 -11.03 -7.31 8.03
CA ASN A 25 -10.56 -8.34 7.12
C ASN A 25 -9.07 -8.16 6.83
N MET A 26 -8.28 -9.15 7.24
CA MET A 26 -6.83 -9.11 7.02
C MET A 26 -6.21 -10.47 7.29
N LEU A 27 -5.88 -11.19 6.21
CA LEU A 27 -5.27 -12.51 6.33
C LEU A 27 -3.76 -12.43 6.10
N ASN A 28 -3.38 -12.21 4.85
CA ASN A 28 -1.96 -12.12 4.50
C ASN A 28 -1.74 -11.10 3.39
N LEU A 29 -2.35 -9.92 3.55
CA LEU A 29 -2.23 -8.86 2.57
C LEU A 29 -2.53 -9.37 1.17
N PRO A 30 -3.79 -9.77 0.94
CA PRO A 30 -4.23 -10.28 -0.36
C PRO A 30 -4.28 -9.20 -1.43
N GLN A 31 -4.86 -8.05 -1.08
CA GLN A 31 -4.97 -6.94 -2.01
C GLN A 31 -3.62 -6.64 -2.66
N PHE A 32 -2.75 -5.96 -1.91
CA PHE A 32 -1.43 -5.61 -2.43
C PHE A 32 -1.54 -4.89 -3.76
N GLN A 33 -0.39 -4.64 -4.38
CA GLN A 33 -0.34 -3.95 -5.67
C GLN A 33 1.09 -3.76 -6.14
N HIS A 34 1.95 -4.72 -5.82
CA HIS A 34 3.35 -4.65 -6.21
C HIS A 34 4.11 -5.87 -5.70
N LEU A 35 5.43 -5.87 -5.92
CA LEU A 35 6.28 -6.97 -5.48
C LEU A 35 5.89 -8.27 -6.20
N PRO A 36 6.89 -9.09 -6.53
CA PRO A 36 6.68 -10.37 -7.21
C PRO A 36 6.02 -11.41 -6.31
N GLN A 37 6.00 -12.66 -6.76
CA GLN A 37 5.39 -13.74 -5.99
C GLN A 37 5.94 -13.76 -4.57
N GLU A 38 7.23 -13.45 -4.43
CA GLU A 38 7.88 -13.44 -3.13
C GLU A 38 8.05 -12.02 -2.61
N GLU A 39 8.70 -11.89 -1.46
CA GLU A 39 8.94 -10.57 -0.86
C GLU A 39 7.64 -9.78 -0.77
N LYS A 40 6.65 -10.35 -0.09
CA LYS A 40 5.36 -9.69 0.08
C LYS A 40 5.07 -9.39 1.55
N MET A 41 3.84 -9.04 1.86
CA MET A 41 3.44 -8.74 3.23
C MET A 41 4.21 -7.54 3.75
N SER A 42 5.43 -7.77 4.21
CA SER A 42 6.27 -6.71 4.76
C SER A 42 6.33 -5.52 3.80
N ALA A 43 6.28 -5.82 2.51
CA ALA A 43 6.33 -4.77 1.49
C ALA A 43 5.20 -3.77 1.68
N ILE A 44 4.09 -4.23 2.23
CA ILE A 44 2.94 -3.37 2.48
C ILE A 44 3.01 -2.73 3.86
N LEU A 45 4.00 -3.13 4.63
CA LEU A 45 4.19 -2.61 5.99
C LEU A 45 5.38 -1.65 6.03
N ALA A 46 6.28 -1.78 5.07
CA ALA A 46 7.46 -0.93 4.99
C ALA A 46 7.18 0.34 4.20
N MET A 47 6.21 0.26 3.29
CA MET A 47 5.84 1.42 2.47
C MET A 47 4.79 2.27 3.18
N LEU A 48 4.07 1.67 4.12
CA LEU A 48 3.05 2.38 4.86
C LEU A 48 3.60 2.93 6.18
N ASN A 49 4.46 2.14 6.82
CA ASN A 49 5.07 2.55 8.08
C ASN A 49 5.70 3.93 7.96
N SER A 50 6.46 4.13 6.90
CA SER A 50 7.13 5.41 6.67
C SER A 50 6.16 6.42 6.06
N ASN A 51 6.57 7.69 6.06
CA ASN A 51 5.74 8.76 5.51
C ASN A 51 4.39 8.82 6.22
N SER A 52 4.39 9.35 7.44
CA SER A 52 3.17 9.47 8.22
C SER A 52 2.90 10.91 8.61
N ASP A 53 1.66 11.20 8.98
CA ASP A 53 1.27 12.56 9.37
C ASP A 53 1.39 12.74 10.88
N GLY A 1 -5.24 21.81 -14.32
CA GLY A 1 -4.97 21.05 -15.52
C GLY A 1 -3.49 21.01 -15.85
N SER A 2 -2.90 22.17 -16.07
CA SER A 2 -1.48 22.28 -16.40
C SER A 2 -0.62 22.19 -15.14
N TRP A 3 -0.80 23.14 -14.25
CA TRP A 3 -0.04 23.18 -13.00
C TRP A 3 -0.93 22.85 -11.81
N GLY A 4 -0.38 22.98 -10.60
CA GLY A 4 -1.14 22.68 -9.41
C GLY A 4 -0.39 21.77 -8.44
N SER A 5 -0.66 20.48 -8.55
CA SER A 5 -0.01 19.50 -7.68
C SER A 5 1.14 18.80 -8.42
N MET A 6 2.25 18.61 -7.72
CA MET A 6 3.41 17.95 -8.29
C MET A 6 3.90 16.80 -7.41
N GLU A 7 2.95 16.18 -6.71
CA GLU A 7 3.28 15.06 -5.82
C GLU A 7 3.88 13.90 -6.61
N ASN A 8 3.36 13.68 -7.81
CA ASN A 8 3.84 12.60 -8.66
C ASN A 8 3.45 11.24 -8.07
N VAL A 9 4.16 10.82 -7.04
CA VAL A 9 3.90 9.54 -6.39
C VAL A 9 2.76 9.66 -5.38
N ASN A 10 1.73 8.83 -5.55
CA ASN A 10 0.58 8.84 -4.65
C ASN A 10 0.59 7.62 -3.74
N TYR A 11 -0.16 7.70 -2.65
CA TYR A 11 -0.25 6.60 -1.70
C TYR A 11 -1.29 6.89 -0.62
N ASP A 12 -1.38 8.15 -0.22
CA ASP A 12 -2.34 8.57 0.80
C ASP A 12 -3.73 8.06 0.47
N LEU A 13 -4.03 7.92 -0.81
CA LEU A 13 -5.33 7.44 -1.25
C LEU A 13 -5.42 5.93 -1.14
N LEU A 14 -4.33 5.24 -1.44
CA LEU A 14 -4.28 3.79 -1.36
C LEU A 14 -4.33 3.32 0.09
N GLN A 15 -3.34 3.75 0.87
CA GLN A 15 -3.27 3.36 2.28
C GLN A 15 -4.54 3.76 3.02
N LYS A 16 -5.23 4.78 2.51
CA LYS A 16 -6.47 5.25 3.11
C LYS A 16 -7.51 4.14 3.16
N GLN A 17 -7.61 3.39 2.06
CA GLN A 17 -8.57 2.29 1.98
C GLN A 17 -7.96 0.99 2.49
N VAL A 18 -6.66 0.81 2.24
CA VAL A 18 -5.97 -0.39 2.68
C VAL A 18 -6.07 -0.57 4.18
N LYS A 19 -5.88 0.53 4.92
CA LYS A 19 -5.95 0.48 6.38
C LYS A 19 -7.33 0.02 6.85
N TYR A 20 -8.34 0.24 6.01
CA TYR A 20 -9.70 -0.15 6.32
C TYR A 20 -9.96 -1.60 5.93
N ILE A 21 -9.42 -2.00 4.78
CA ILE A 21 -9.58 -3.35 4.29
C ILE A 21 -8.80 -4.35 5.14
N MET A 22 -7.60 -3.96 5.53
CA MET A 22 -6.76 -4.82 6.36
C MET A 22 -7.49 -5.26 7.61
N ASP A 23 -8.42 -4.43 8.07
CA ASP A 23 -9.20 -4.75 9.27
C ASP A 23 -10.29 -5.77 8.96
N SER A 24 -10.87 -5.66 7.77
CA SER A 24 -11.94 -6.57 7.36
C SER A 24 -11.39 -7.98 7.15
N ASN A 25 -10.18 -8.06 6.62
CA ASN A 25 -9.55 -9.36 6.36
C ASN A 25 -8.04 -9.28 6.59
N MET A 26 -7.50 -10.29 7.25
CA MET A 26 -6.06 -10.33 7.54
C MET A 26 -5.46 -11.66 7.08
N LEU A 27 -4.14 -11.67 6.92
CA LEU A 27 -3.45 -12.88 6.47
C LEU A 27 -3.94 -13.34 5.11
N ASN A 28 -4.39 -12.38 4.30
CA ASN A 28 -4.89 -12.68 2.96
C ASN A 28 -5.21 -11.40 2.20
N LEU A 29 -4.34 -10.40 2.35
CA LEU A 29 -4.53 -9.12 1.66
C LEU A 29 -4.78 -9.33 0.17
N PRO A 30 -6.03 -9.08 -0.25
CA PRO A 30 -6.43 -9.23 -1.65
C PRO A 30 -5.80 -8.16 -2.55
N GLN A 31 -5.10 -7.21 -1.94
CA GLN A 31 -4.46 -6.13 -2.68
C GLN A 31 -3.06 -6.55 -3.14
N PHE A 32 -2.76 -7.83 -2.97
CA PHE A 32 -1.45 -8.36 -3.37
C PHE A 32 -1.37 -8.55 -4.88
N GLN A 33 -0.20 -8.31 -5.44
CA GLN A 33 0.00 -8.44 -6.88
C GLN A 33 1.50 -8.48 -7.22
N HIS A 34 2.31 -8.93 -6.26
CA HIS A 34 3.75 -9.01 -6.46
C HIS A 34 4.43 -9.56 -5.22
N LEU A 35 3.85 -10.60 -4.63
CA LEU A 35 4.41 -11.23 -3.43
C LEU A 35 5.87 -11.59 -3.64
N PRO A 36 6.70 -11.31 -2.62
CA PRO A 36 8.13 -11.60 -2.67
C PRO A 36 8.42 -13.10 -2.62
N GLN A 37 7.79 -13.78 -1.67
CA GLN A 37 7.98 -15.22 -1.51
C GLN A 37 7.15 -15.76 -0.36
N GLU A 38 7.59 -15.49 0.86
CA GLU A 38 6.88 -15.94 2.05
C GLU A 38 6.44 -14.77 2.92
N GLU A 39 6.14 -13.65 2.27
CA GLU A 39 5.71 -12.44 2.98
C GLU A 39 4.23 -12.17 2.74
N LYS A 40 3.47 -12.08 3.82
CA LYS A 40 2.04 -11.81 3.73
C LYS A 40 1.65 -10.61 4.57
N MET A 41 0.81 -9.75 4.01
CA MET A 41 0.36 -8.54 4.71
C MET A 41 1.50 -7.55 4.86
N SER A 42 2.46 -7.88 5.71
CA SER A 42 3.61 -7.01 5.96
C SER A 42 4.22 -6.54 4.65
N ALA A 43 4.34 -7.47 3.69
CA ALA A 43 4.91 -7.14 2.39
C ALA A 43 4.15 -6.00 1.73
N ILE A 44 2.84 -5.98 1.90
CA ILE A 44 2.00 -4.94 1.32
C ILE A 44 1.91 -3.73 2.25
N LEU A 45 2.42 -3.88 3.46
CA LEU A 45 2.40 -2.80 4.44
C LEU A 45 3.77 -2.16 4.58
N ALA A 46 4.78 -2.78 3.97
CA ALA A 46 6.14 -2.28 4.03
C ALA A 46 6.50 -1.55 2.73
N MET A 47 5.82 -1.91 1.65
CA MET A 47 6.07 -1.29 0.34
C MET A 47 5.17 -0.09 0.13
N LEU A 48 4.03 -0.08 0.81
CA LEU A 48 3.08 1.02 0.69
C LEU A 48 3.17 1.95 1.91
N ASN A 49 2.92 1.40 3.09
CA ASN A 49 2.98 2.17 4.32
C ASN A 49 4.41 2.63 4.61
N SER A 50 5.38 1.86 4.13
CA SER A 50 6.79 2.18 4.35
C SER A 50 7.50 2.41 3.02
N ASN A 51 8.61 3.14 3.08
CA ASN A 51 9.38 3.44 1.87
C ASN A 51 10.88 3.32 2.14
N SER A 52 11.68 3.66 1.15
CA SER A 52 13.14 3.59 1.28
C SER A 52 13.79 4.89 0.83
N ASP A 53 13.35 5.40 -0.31
CA ASP A 53 13.89 6.64 -0.86
C ASP A 53 12.77 7.63 -1.19
N GLY A 1 -5.70 24.41 -7.49
CA GLY A 1 -5.09 23.13 -7.82
C GLY A 1 -4.29 22.56 -6.66
N SER A 2 -3.37 23.36 -6.12
CA SER A 2 -2.54 22.93 -5.01
C SER A 2 -1.78 21.66 -5.36
N TRP A 3 -1.07 21.11 -4.38
CA TRP A 3 -0.30 19.89 -4.60
C TRP A 3 -0.68 18.82 -3.58
N GLY A 4 -1.95 18.44 -3.56
CA GLY A 4 -2.42 17.43 -2.63
C GLY A 4 -1.76 16.08 -2.88
N SER A 5 -1.31 15.85 -4.10
CA SER A 5 -0.68 14.59 -4.46
C SER A 5 0.81 14.62 -4.10
N MET A 6 1.35 13.45 -3.74
CA MET A 6 2.76 13.35 -3.38
C MET A 6 3.60 12.98 -4.60
N GLU A 7 3.90 13.98 -5.43
CA GLU A 7 4.71 13.76 -6.63
C GLU A 7 4.09 12.67 -7.51
N ASN A 8 2.77 12.60 -7.49
CA ASN A 8 2.05 11.61 -8.28
C ASN A 8 2.51 10.19 -7.93
N VAL A 9 2.49 9.88 -6.63
CA VAL A 9 2.91 8.56 -6.15
C VAL A 9 1.78 7.55 -6.30
N ASN A 10 0.54 8.03 -6.29
CA ASN A 10 -0.62 7.17 -6.42
C ASN A 10 -0.62 6.09 -5.35
N TYR A 11 -1.28 6.37 -4.24
CA TYR A 11 -1.36 5.42 -3.13
C TYR A 11 -2.19 5.99 -1.97
N ASP A 12 -2.10 7.31 -1.78
CA ASP A 12 -2.84 7.97 -0.72
C ASP A 12 -4.31 7.61 -0.77
N LEU A 13 -4.80 7.33 -1.99
CA LEU A 13 -6.20 6.98 -2.17
C LEU A 13 -6.45 5.51 -1.82
N LEU A 14 -5.48 4.66 -2.16
CA LEU A 14 -5.59 3.23 -1.87
C LEU A 14 -5.50 2.97 -0.37
N GLN A 15 -4.55 3.64 0.28
CA GLN A 15 -4.36 3.48 1.72
C GLN A 15 -5.65 3.73 2.47
N LYS A 16 -6.33 4.83 2.15
CA LYS A 16 -7.58 5.19 2.79
C LYS A 16 -8.57 4.02 2.74
N GLN A 17 -8.48 3.23 1.67
CA GLN A 17 -9.37 2.08 1.50
C GLN A 17 -8.90 0.91 2.34
N VAL A 18 -7.62 0.55 2.18
CA VAL A 18 -7.05 -0.57 2.92
C VAL A 18 -7.30 -0.43 4.42
N LYS A 19 -7.03 0.76 4.95
CA LYS A 19 -7.22 1.03 6.37
C LYS A 19 -8.67 0.77 6.77
N TYR A 20 -9.59 0.91 5.82
CA TYR A 20 -11.00 0.69 6.06
C TYR A 20 -11.35 -0.79 5.98
N ILE A 21 -10.68 -1.49 5.07
CA ILE A 21 -10.91 -2.93 4.88
C ILE A 21 -10.35 -3.73 6.04
N MET A 22 -9.13 -3.38 6.46
CA MET A 22 -8.47 -4.08 7.57
C MET A 22 -9.33 -4.03 8.83
N ASP A 23 -10.17 -3.00 8.92
CA ASP A 23 -11.05 -2.85 10.08
C ASP A 23 -11.92 -4.08 10.27
N SER A 24 -12.74 -4.39 9.26
CA SER A 24 -13.62 -5.54 9.32
C SER A 24 -12.84 -6.82 9.60
N ASN A 25 -11.64 -6.90 9.03
CA ASN A 25 -10.79 -8.07 9.21
C ASN A 25 -9.35 -7.77 8.78
N MET A 26 -8.41 -7.97 9.70
CA MET A 26 -7.00 -7.72 9.43
C MET A 26 -6.46 -8.74 8.43
N LEU A 27 -6.24 -9.96 8.91
CA LEU A 27 -5.71 -11.03 8.07
C LEU A 27 -4.35 -10.66 7.50
N ASN A 28 -3.76 -11.59 6.75
CA ASN A 28 -2.45 -11.35 6.14
C ASN A 28 -2.58 -10.55 4.86
N LEU A 29 -3.03 -9.31 4.99
CA LEU A 29 -3.20 -8.43 3.83
C LEU A 29 -4.06 -9.10 2.76
N PRO A 30 -5.34 -9.32 3.09
CA PRO A 30 -6.29 -9.95 2.17
C PRO A 30 -6.65 -9.04 1.00
N GLN A 31 -5.68 -8.81 0.12
CA GLN A 31 -5.90 -7.96 -1.05
C GLN A 31 -4.65 -7.93 -1.93
N PHE A 32 -3.70 -7.09 -1.56
CA PHE A 32 -2.46 -6.96 -2.32
C PHE A 32 -2.73 -6.47 -3.73
N GLN A 33 -1.70 -5.97 -4.40
CA GLN A 33 -1.84 -5.46 -5.76
C GLN A 33 -0.50 -5.52 -6.50
N HIS A 34 0.41 -6.35 -5.99
CA HIS A 34 1.74 -6.50 -6.60
C HIS A 34 2.57 -7.51 -5.83
N LEU A 35 3.82 -7.68 -6.26
CA LEU A 35 4.72 -8.62 -5.61
C LEU A 35 6.09 -8.62 -6.30
N PRO A 36 7.17 -8.62 -5.49
CA PRO A 36 8.53 -8.63 -6.00
C PRO A 36 8.90 -9.96 -6.65
N GLN A 37 8.63 -11.05 -5.95
CA GLN A 37 8.93 -12.38 -6.47
C GLN A 37 8.48 -13.45 -5.49
N GLU A 38 8.71 -13.22 -4.20
CA GLU A 38 8.32 -14.18 -3.17
C GLU A 38 8.22 -13.48 -1.80
N GLU A 39 7.17 -12.69 -1.63
CA GLU A 39 6.97 -11.97 -0.38
C GLU A 39 5.48 -11.67 -0.17
N LYS A 40 4.97 -12.08 0.99
CA LYS A 40 3.57 -11.86 1.32
C LYS A 40 3.42 -10.92 2.52
N MET A 41 2.35 -10.13 2.53
CA MET A 41 2.10 -9.20 3.62
C MET A 41 3.23 -8.17 3.72
N SER A 42 4.34 -8.56 4.34
CA SER A 42 5.48 -7.66 4.50
C SER A 42 5.83 -6.99 3.18
N ALA A 43 5.67 -7.72 2.08
CA ALA A 43 5.96 -7.20 0.76
C ALA A 43 5.22 -5.88 0.51
N ILE A 44 4.02 -5.77 1.06
CA ILE A 44 3.21 -4.57 0.91
C ILE A 44 3.60 -3.51 1.93
N LEU A 45 4.29 -3.93 2.97
CA LEU A 45 4.72 -3.02 4.03
C LEU A 45 6.13 -2.48 3.74
N ALA A 46 6.86 -3.19 2.91
CA ALA A 46 8.22 -2.78 2.55
C ALA A 46 8.20 -1.82 1.35
N MET A 47 7.22 -2.00 0.48
CA MET A 47 7.09 -1.16 -0.71
C MET A 47 6.74 0.28 -0.32
N LEU A 48 6.02 0.42 0.79
CA LEU A 48 5.62 1.75 1.27
C LEU A 48 6.68 2.32 2.20
N ASN A 49 7.44 1.44 2.84
CA ASN A 49 8.49 1.87 3.76
C ASN A 49 9.62 2.56 3.01
N SER A 50 9.98 2.02 1.85
CA SER A 50 11.05 2.58 1.04
C SER A 50 10.59 2.80 -0.40
N ASN A 51 10.80 4.02 -0.90
CA ASN A 51 10.39 4.37 -2.26
C ASN A 51 11.22 5.53 -2.79
N SER A 52 12.41 5.23 -3.31
CA SER A 52 13.29 6.25 -3.85
C SER A 52 13.75 5.88 -5.26
N ASP A 53 12.82 5.95 -6.21
CA ASP A 53 13.13 5.63 -7.60
C ASP A 53 13.11 6.89 -8.46
N GLY A 1 -5.98 28.74 -18.54
CA GLY A 1 -5.86 27.29 -18.57
C GLY A 1 -4.79 26.79 -17.63
N SER A 2 -5.21 26.14 -16.54
CA SER A 2 -4.28 25.61 -15.55
C SER A 2 -4.35 24.09 -15.51
N TRP A 3 -3.20 23.46 -15.29
CA TRP A 3 -3.13 22.00 -15.22
C TRP A 3 -2.84 21.55 -13.80
N GLY A 4 -3.11 20.27 -13.54
CA GLY A 4 -2.87 19.72 -12.21
C GLY A 4 -3.98 18.79 -11.77
N SER A 5 -3.61 17.56 -11.39
CA SER A 5 -4.58 16.57 -10.95
C SER A 5 -3.88 15.38 -10.30
N MET A 6 -3.55 15.53 -9.02
CA MET A 6 -2.88 14.46 -8.28
C MET A 6 -1.59 14.03 -8.99
N GLU A 7 -0.49 14.69 -8.67
CA GLU A 7 0.79 14.37 -9.29
C GLU A 7 1.71 13.64 -8.30
N ASN A 8 1.90 14.24 -7.13
CA ASN A 8 2.75 13.64 -6.10
C ASN A 8 2.13 12.34 -5.59
N VAL A 9 0.98 12.45 -4.94
CA VAL A 9 0.29 11.29 -4.40
C VAL A 9 1.02 10.73 -3.18
N ASN A 10 2.19 10.15 -3.42
CA ASN A 10 3.00 9.58 -2.34
C ASN A 10 2.20 8.53 -1.57
N TYR A 11 1.20 7.95 -2.22
CA TYR A 11 0.36 6.94 -1.59
C TYR A 11 -0.43 7.54 -0.43
N ASP A 12 -0.49 8.86 -0.38
CA ASP A 12 -1.21 9.56 0.67
C ASP A 12 -2.72 9.37 0.52
N LEU A 13 -3.16 9.15 -0.71
CA LEU A 13 -4.58 8.94 -1.00
C LEU A 13 -4.93 7.46 -0.95
N LEU A 14 -4.05 6.62 -1.50
CA LEU A 14 -4.28 5.19 -1.51
C LEU A 14 -4.16 4.60 -0.11
N GLN A 15 -3.31 5.22 0.71
CA GLN A 15 -3.11 4.75 2.08
C GLN A 15 -4.44 4.59 2.80
N LYS A 16 -5.36 5.52 2.57
CA LYS A 16 -6.66 5.48 3.21
C LYS A 16 -7.42 4.21 2.82
N GLN A 17 -7.34 3.86 1.54
CA GLN A 17 -8.02 2.66 1.04
C GLN A 17 -7.42 1.41 1.64
N VAL A 18 -6.09 1.29 1.53
CA VAL A 18 -5.39 0.12 2.06
C VAL A 18 -5.74 -0.10 3.53
N LYS A 19 -5.68 0.96 4.32
CA LYS A 19 -5.98 0.89 5.74
C LYS A 19 -7.35 0.27 5.97
N TYR A 20 -8.25 0.44 5.00
CA TYR A 20 -9.60 -0.10 5.10
C TYR A 20 -9.64 -1.55 4.61
N ILE A 21 -9.05 -1.78 3.43
CA ILE A 21 -9.01 -3.11 2.86
C ILE A 21 -8.41 -4.12 3.82
N MET A 22 -7.36 -3.69 4.52
CA MET A 22 -6.68 -4.56 5.49
C MET A 22 -7.67 -5.15 6.48
N ASP A 23 -8.67 -4.36 6.86
CA ASP A 23 -9.68 -4.82 7.80
C ASP A 23 -10.92 -5.31 7.06
N SER A 24 -10.80 -6.47 6.43
CA SER A 24 -11.92 -7.05 5.68
C SER A 24 -11.57 -8.46 5.19
N ASN A 25 -10.51 -8.56 4.41
CA ASN A 25 -10.07 -9.85 3.88
C ASN A 25 -9.00 -10.46 4.77
N MET A 26 -7.99 -9.66 5.10
CA MET A 26 -6.90 -10.14 5.95
C MET A 26 -6.15 -11.30 5.29
N LEU A 27 -5.21 -11.87 6.02
CA LEU A 27 -4.42 -12.98 5.50
C LEU A 27 -3.46 -12.53 4.40
N ASN A 28 -4.02 -12.17 3.25
CA ASN A 28 -3.21 -11.71 2.12
C ASN A 28 -3.92 -10.59 1.37
N LEU A 29 -3.36 -9.39 1.46
CA LEU A 29 -3.94 -8.23 0.78
C LEU A 29 -4.15 -8.51 -0.70
N PRO A 30 -5.28 -8.01 -1.24
CA PRO A 30 -5.62 -8.20 -2.65
C PRO A 30 -4.71 -7.40 -3.58
N GLN A 31 -4.52 -6.12 -3.27
CA GLN A 31 -3.67 -5.26 -4.07
C GLN A 31 -2.20 -5.51 -3.78
N PHE A 32 -1.75 -6.75 -4.00
CA PHE A 32 -0.37 -7.12 -3.75
C PHE A 32 0.46 -7.02 -5.03
N GLN A 33 1.78 -7.04 -4.87
CA GLN A 33 2.68 -6.95 -6.02
C GLN A 33 4.14 -7.05 -5.58
N HIS A 34 4.38 -7.83 -4.53
CA HIS A 34 5.72 -8.01 -4.00
C HIS A 34 5.72 -8.94 -2.80
N LEU A 35 6.54 -9.99 -2.86
CA LEU A 35 6.63 -10.96 -1.78
C LEU A 35 8.05 -11.46 -1.61
N PRO A 36 8.51 -11.56 -0.35
CA PRO A 36 9.86 -12.02 -0.03
C PRO A 36 10.04 -13.51 -0.31
N GLN A 37 9.10 -14.32 0.17
CA GLN A 37 9.16 -15.76 -0.04
C GLN A 37 7.95 -16.45 0.59
N GLU A 38 7.68 -16.11 1.85
CA GLU A 38 6.55 -16.70 2.56
C GLU A 38 5.90 -15.67 3.48
N GLU A 39 6.03 -14.40 3.14
CA GLU A 39 5.46 -13.32 3.93
C GLU A 39 4.38 -12.58 3.13
N LYS A 40 3.13 -12.73 3.55
CA LYS A 40 2.02 -12.07 2.89
C LYS A 40 1.40 -11.00 3.78
N MET A 41 0.61 -10.12 3.19
CA MET A 41 -0.06 -9.05 3.94
C MET A 41 0.98 -8.10 4.53
N SER A 42 1.62 -8.51 5.62
CA SER A 42 2.61 -7.67 6.27
C SER A 42 3.63 -7.15 5.27
N ALA A 43 3.95 -7.97 4.27
CA ALA A 43 4.91 -7.58 3.23
C ALA A 43 4.50 -6.26 2.59
N ILE A 44 3.20 -6.03 2.49
CA ILE A 44 2.69 -4.81 1.89
C ILE A 44 2.64 -3.66 2.90
N LEU A 45 2.69 -4.03 4.18
CA LEU A 45 2.65 -3.04 5.26
C LEU A 45 4.06 -2.71 5.74
N ALA A 46 5.03 -3.50 5.30
CA ALA A 46 6.41 -3.28 5.69
C ALA A 46 7.16 -2.46 4.63
N MET A 47 6.70 -2.55 3.39
CA MET A 47 7.32 -1.83 2.29
C MET A 47 6.70 -0.44 2.13
N LEU A 48 5.49 -0.28 2.64
CA LEU A 48 4.79 1.01 2.57
C LEU A 48 5.03 1.83 3.83
N ASN A 49 4.87 1.20 4.98
CA ASN A 49 5.07 1.89 6.26
C ASN A 49 6.52 2.32 6.41
N SER A 50 7.43 1.54 5.86
CA SER A 50 8.85 1.83 5.94
C SER A 50 9.42 2.18 4.56
N ASN A 51 10.23 3.22 4.50
CA ASN A 51 10.84 3.65 3.25
C ASN A 51 12.36 3.60 3.34
N SER A 52 12.90 4.07 4.45
CA SER A 52 14.34 4.08 4.66
C SER A 52 15.04 4.98 3.63
N ASP A 53 15.42 6.18 4.06
CA ASP A 53 16.09 7.13 3.18
C ASP A 53 17.48 6.63 2.79
N GLY A 1 -3.26 22.92 -16.25
CA GLY A 1 -1.92 23.19 -15.76
C GLY A 1 -0.99 22.02 -15.97
N SER A 2 0.27 22.19 -15.58
CA SER A 2 1.28 21.15 -15.74
C SER A 2 1.71 20.58 -14.38
N TRP A 3 0.92 19.65 -13.87
CA TRP A 3 1.21 19.03 -12.58
C TRP A 3 1.56 17.56 -12.75
N GLY A 4 1.84 16.89 -11.64
CA GLY A 4 2.18 15.48 -11.68
C GLY A 4 2.31 14.87 -10.30
N SER A 5 1.38 15.20 -9.42
CA SER A 5 1.40 14.69 -8.05
C SER A 5 2.65 15.13 -7.32
N MET A 6 2.70 14.86 -6.01
CA MET A 6 3.85 15.24 -5.20
C MET A 6 5.13 14.60 -5.72
N GLU A 7 5.08 13.30 -5.96
CA GLU A 7 6.24 12.56 -6.46
C GLU A 7 5.94 11.95 -7.83
N ASN A 8 4.99 11.02 -7.87
CA ASN A 8 4.62 10.36 -9.12
C ASN A 8 3.13 10.06 -9.14
N VAL A 9 2.67 9.25 -8.19
CA VAL A 9 1.26 8.89 -8.10
C VAL A 9 0.73 9.11 -6.70
N ASN A 10 -0.58 8.90 -6.53
CA ASN A 10 -1.22 9.08 -5.23
C ASN A 10 -0.99 7.87 -4.33
N TYR A 11 -1.68 7.83 -3.21
CA TYR A 11 -1.56 6.73 -2.26
C TYR A 11 -2.52 6.90 -1.08
N ASP A 12 -2.72 8.15 -0.68
CA ASP A 12 -3.61 8.46 0.43
C ASP A 12 -4.96 7.80 0.25
N LEU A 13 -5.36 7.61 -1.02
CA LEU A 13 -6.64 6.98 -1.33
C LEU A 13 -6.54 5.47 -1.21
N LEU A 14 -5.41 4.91 -1.63
CA LEU A 14 -5.19 3.47 -1.57
C LEU A 14 -4.98 3.00 -0.13
N GLN A 15 -3.99 3.59 0.54
CA GLN A 15 -3.69 3.24 1.91
C GLN A 15 -4.93 3.33 2.79
N LYS A 16 -5.56 4.50 2.78
CA LYS A 16 -6.77 4.72 3.57
C LYS A 16 -7.84 3.68 3.23
N GLN A 17 -7.77 3.16 2.01
CA GLN A 17 -8.74 2.16 1.56
C GLN A 17 -8.39 0.78 2.12
N VAL A 18 -7.20 0.30 1.79
CA VAL A 18 -6.75 -1.01 2.25
C VAL A 18 -6.77 -1.09 3.77
N LYS A 19 -6.56 0.05 4.42
CA LYS A 19 -6.56 0.12 5.87
C LYS A 19 -7.97 -0.04 6.43
N TYR A 20 -8.95 0.51 5.74
CA TYR A 20 -10.34 0.42 6.16
C TYR A 20 -10.91 -0.97 5.89
N ILE A 21 -10.48 -1.56 4.78
CA ILE A 21 -10.95 -2.89 4.41
C ILE A 21 -10.31 -3.97 5.27
N MET A 22 -9.01 -3.82 5.53
CA MET A 22 -8.28 -4.77 6.35
C MET A 22 -8.86 -4.84 7.76
N ASP A 23 -9.39 -3.71 8.23
CA ASP A 23 -9.98 -3.64 9.55
C ASP A 23 -11.37 -4.26 9.57
N SER A 24 -12.22 -3.80 8.66
CA SER A 24 -13.60 -4.30 8.57
C SER A 24 -13.60 -5.82 8.47
N ASN A 25 -12.88 -6.35 7.47
CA ASN A 25 -12.81 -7.79 7.26
C ASN A 25 -11.41 -8.20 6.78
N MET A 26 -10.58 -8.63 7.72
CA MET A 26 -9.22 -9.05 7.41
C MET A 26 -9.23 -10.13 6.33
N LEU A 27 -8.53 -9.87 5.23
CA LEU A 27 -8.46 -10.82 4.12
C LEU A 27 -7.01 -11.18 3.80
N ASN A 28 -6.19 -11.26 4.85
CA ASN A 28 -4.78 -11.60 4.69
C ASN A 28 -4.11 -10.64 3.72
N LEU A 29 -4.22 -9.35 3.99
CA LEU A 29 -3.62 -8.33 3.14
C LEU A 29 -4.10 -8.46 1.70
N PRO A 30 -5.24 -7.81 1.39
CA PRO A 30 -5.83 -7.84 0.05
C PRO A 30 -5.00 -7.07 -0.96
N GLN A 31 -5.54 -6.92 -2.17
CA GLN A 31 -4.85 -6.21 -3.23
C GLN A 31 -3.33 -6.34 -3.09
N PHE A 32 -2.87 -7.58 -2.98
CA PHE A 32 -1.43 -7.85 -2.83
C PHE A 32 -0.79 -8.06 -4.19
N GLN A 33 0.11 -7.16 -4.56
CA GLN A 33 0.81 -7.26 -5.84
C GLN A 33 2.08 -6.42 -5.84
N HIS A 34 3.02 -6.77 -4.96
CA HIS A 34 4.28 -6.05 -4.85
C HIS A 34 5.16 -6.66 -3.77
N LEU A 35 5.55 -7.92 -3.97
CA LEU A 35 6.40 -8.61 -3.00
C LEU A 35 7.88 -8.50 -3.40
N PRO A 36 8.75 -8.57 -2.39
CA PRO A 36 10.20 -8.48 -2.60
C PRO A 36 10.77 -9.72 -3.30
N GLN A 37 10.40 -10.89 -2.81
CA GLN A 37 10.86 -12.14 -3.39
C GLN A 37 10.30 -13.34 -2.62
N GLU A 38 10.32 -13.25 -1.30
CA GLU A 38 9.81 -14.33 -0.46
C GLU A 38 9.19 -13.78 0.82
N GLU A 39 8.65 -12.57 0.74
CA GLU A 39 8.04 -11.92 1.90
C GLU A 39 6.58 -11.59 1.63
N LYS A 40 5.70 -12.04 2.52
CA LYS A 40 4.28 -11.78 2.38
C LYS A 40 3.74 -10.99 3.57
N MET A 41 2.58 -10.36 3.38
CA MET A 41 1.97 -9.57 4.45
C MET A 41 2.79 -8.33 4.75
N SER A 42 3.93 -8.52 5.41
CA SER A 42 4.80 -7.41 5.76
C SER A 42 5.10 -6.53 4.54
N ALA A 43 5.21 -7.17 3.38
CA ALA A 43 5.49 -6.45 2.14
C ALA A 43 4.46 -5.36 1.90
N ILE A 44 3.23 -5.60 2.35
CA ILE A 44 2.16 -4.63 2.18
C ILE A 44 2.17 -3.60 3.30
N LEU A 45 2.88 -3.90 4.38
CA LEU A 45 2.98 -3.00 5.52
C LEU A 45 4.23 -2.12 5.42
N ALA A 46 5.21 -2.59 4.65
CA ALA A 46 6.44 -1.83 4.47
C ALA A 46 6.24 -0.65 3.52
N MET A 47 5.37 -0.84 2.53
CA MET A 47 5.09 0.21 1.56
C MET A 47 4.66 1.50 2.27
N LEU A 48 4.07 1.36 3.45
CA LEU A 48 3.62 2.50 4.22
C LEU A 48 4.77 3.47 4.48
N ASN A 49 5.94 2.93 4.82
CA ASN A 49 7.11 3.75 5.10
C ASN A 49 7.94 3.94 3.83
N SER A 50 8.12 2.87 3.07
CA SER A 50 8.89 2.92 1.83
C SER A 50 8.08 3.57 0.71
N ASN A 51 7.78 4.86 0.88
CA ASN A 51 7.01 5.59 -0.13
C ASN A 51 7.83 6.74 -0.71
N SER A 52 8.71 7.30 0.11
CA SER A 52 9.56 8.41 -0.33
C SER A 52 10.93 8.33 0.33
N ASP A 53 11.97 8.52 -0.48
CA ASP A 53 13.34 8.48 0.03
C ASP A 53 14.01 9.85 -0.11
N GLY A 1 -3.27 6.46 -16.03
CA GLY A 1 -3.01 7.88 -15.94
C GLY A 1 -2.02 8.21 -14.84
N SER A 2 -1.28 9.30 -15.02
CA SER A 2 -0.30 9.73 -14.04
C SER A 2 -0.17 11.25 -14.00
N TRP A 3 0.79 11.74 -13.23
CA TRP A 3 1.00 13.18 -13.10
C TRP A 3 2.16 13.63 -13.98
N GLY A 4 3.35 13.10 -13.71
CA GLY A 4 4.52 13.46 -14.50
C GLY A 4 5.77 12.74 -14.03
N SER A 5 6.41 13.28 -13.00
CA SER A 5 7.63 12.69 -12.47
C SER A 5 7.56 12.59 -10.95
N MET A 6 7.64 13.74 -10.28
CA MET A 6 7.59 13.79 -8.82
C MET A 6 6.15 13.67 -8.32
N GLU A 7 5.99 13.01 -7.18
CA GLU A 7 4.67 12.83 -6.59
C GLU A 7 3.78 12.01 -7.52
N ASN A 8 4.11 10.73 -7.69
CA ASN A 8 3.35 9.84 -8.56
C ASN A 8 2.67 8.75 -7.74
N VAL A 9 1.72 8.05 -8.36
CA VAL A 9 1.00 6.98 -7.69
C VAL A 9 0.28 7.48 -6.44
N ASN A 10 -0.92 8.02 -6.63
CA ASN A 10 -1.69 8.56 -5.52
C ASN A 10 -2.17 7.43 -4.60
N TYR A 11 -1.37 7.14 -3.58
CA TYR A 11 -1.71 6.08 -2.63
C TYR A 11 -2.41 6.66 -1.40
N ASP A 12 -2.17 7.92 -1.13
CA ASP A 12 -2.77 8.59 0.01
C ASP A 12 -4.28 8.40 0.02
N LEU A 13 -4.87 8.27 -1.17
CA LEU A 13 -6.30 8.08 -1.31
C LEU A 13 -6.68 6.62 -1.08
N LEU A 14 -5.85 5.71 -1.58
CA LEU A 14 -6.10 4.28 -1.42
C LEU A 14 -5.95 3.86 0.04
N GLN A 15 -4.99 4.46 0.73
CA GLN A 15 -4.75 4.14 2.13
C GLN A 15 -6.00 4.35 2.96
N LYS A 16 -6.75 5.40 2.64
CA LYS A 16 -7.99 5.72 3.35
C LYS A 16 -8.94 4.53 3.34
N GLN A 17 -9.06 3.89 2.18
CA GLN A 17 -9.94 2.73 2.03
C GLN A 17 -9.34 1.50 2.70
N VAL A 18 -8.07 1.22 2.39
CA VAL A 18 -7.38 0.07 2.95
C VAL A 18 -7.47 0.07 4.47
N LYS A 19 -7.38 1.25 5.07
CA LYS A 19 -7.45 1.39 6.52
C LYS A 19 -8.82 0.94 7.04
N TYR A 20 -9.86 1.18 6.24
CA TYR A 20 -11.22 0.80 6.62
C TYR A 20 -11.44 -0.69 6.39
N ILE A 21 -10.88 -1.22 5.31
CA ILE A 21 -11.03 -2.63 4.98
C ILE A 21 -10.23 -3.50 5.95
N MET A 22 -9.08 -3.01 6.37
CA MET A 22 -8.23 -3.74 7.31
C MET A 22 -8.99 -4.09 8.57
N ASP A 23 -9.97 -3.27 8.93
CA ASP A 23 -10.78 -3.49 10.12
C ASP A 23 -12.15 -4.05 9.75
N SER A 24 -12.20 -4.79 8.65
CA SER A 24 -13.45 -5.39 8.19
C SER A 24 -13.35 -6.91 8.17
N ASN A 25 -12.20 -7.41 7.76
CA ASN A 25 -11.97 -8.85 7.69
C ASN A 25 -10.52 -9.20 8.04
N MET A 26 -9.60 -8.72 7.23
CA MET A 26 -8.17 -8.97 7.45
C MET A 26 -7.88 -10.46 7.39
N LEU A 27 -7.40 -10.91 6.24
CA LEU A 27 -7.06 -12.32 6.04
C LEU A 27 -5.55 -12.52 5.92
N ASN A 28 -4.99 -12.05 4.81
CA ASN A 28 -3.55 -12.17 4.58
C ASN A 28 -3.08 -11.15 3.55
N LEU A 29 -3.36 -9.88 3.81
CA LEU A 29 -2.97 -8.80 2.91
C LEU A 29 -3.39 -9.11 1.48
N PRO A 30 -4.69 -8.94 1.19
CA PRO A 30 -5.25 -9.20 -0.14
C PRO A 30 -4.79 -8.17 -1.17
N GLN A 31 -4.92 -6.90 -0.82
CA GLN A 31 -4.52 -5.81 -1.71
C GLN A 31 -3.00 -5.70 -1.79
N PHE A 32 -2.38 -6.62 -2.53
CA PHE A 32 -0.92 -6.63 -2.67
C PHE A 32 -0.53 -6.51 -4.15
N GLN A 33 0.63 -5.90 -4.39
CA GLN A 33 1.12 -5.72 -5.76
C GLN A 33 1.99 -6.90 -6.17
N HIS A 34 2.43 -7.69 -5.19
CA HIS A 34 3.27 -8.85 -5.46
C HIS A 34 4.64 -8.42 -5.97
N LEU A 35 5.63 -8.45 -5.08
CA LEU A 35 6.99 -8.06 -5.45
C LEU A 35 7.70 -9.20 -6.18
N PRO A 36 8.77 -8.86 -6.91
CA PRO A 36 9.56 -9.84 -7.65
C PRO A 36 10.37 -10.76 -6.74
N GLN A 37 11.09 -10.16 -5.80
CA GLN A 37 11.89 -10.93 -4.85
C GLN A 37 11.20 -11.05 -3.51
N GLU A 38 11.87 -11.68 -2.55
CA GLU A 38 11.31 -11.86 -1.21
C GLU A 38 10.81 -10.53 -0.65
N GLU A 39 9.49 -10.35 -0.66
CA GLU A 39 8.89 -9.13 -0.16
C GLU A 39 7.36 -9.23 -0.18
N LYS A 40 6.80 -9.91 0.82
CA LYS A 40 5.36 -10.07 0.92
C LYS A 40 4.87 -9.82 2.34
N MET A 41 3.59 -9.52 2.48
CA MET A 41 3.00 -9.27 3.80
C MET A 41 3.65 -8.06 4.45
N SER A 42 4.82 -8.27 5.06
CA SER A 42 5.54 -7.20 5.73
C SER A 42 5.64 -5.97 4.84
N ALA A 43 5.77 -6.19 3.53
CA ALA A 43 5.87 -5.11 2.57
C ALA A 43 4.70 -4.14 2.71
N ILE A 44 3.54 -4.67 3.07
CA ILE A 44 2.35 -3.85 3.24
C ILE A 44 2.29 -3.25 4.63
N LEU A 45 3.11 -3.77 5.53
CA LEU A 45 3.15 -3.28 6.91
C LEU A 45 4.25 -2.24 7.08
N ALA A 46 5.24 -2.28 6.19
CA ALA A 46 6.35 -1.33 6.23
C ALA A 46 6.00 -0.04 5.51
N MET A 47 5.08 -0.12 4.55
CA MET A 47 4.66 1.04 3.78
C MET A 47 3.52 1.78 4.49
N LEU A 48 2.78 1.05 5.32
CA LEU A 48 1.66 1.63 6.06
C LEU A 48 2.13 2.15 7.42
N ASN A 49 3.02 1.40 8.06
CA ASN A 49 3.54 1.79 9.36
C ASN A 49 4.07 3.22 9.34
N SER A 50 4.92 3.52 8.36
CA SER A 50 5.50 4.84 8.23
C SER A 50 5.46 5.32 6.77
N ASN A 51 5.10 6.58 6.58
CA ASN A 51 5.02 7.15 5.23
C ASN A 51 6.41 7.51 4.71
N SER A 52 6.65 7.24 3.43
CA SER A 52 7.94 7.54 2.82
C SER A 52 7.77 8.48 1.62
N ASP A 53 6.92 8.09 0.69
CA ASP A 53 6.66 8.90 -0.50
C ASP A 53 5.56 8.28 -1.35
N GLY A 1 1.73 18.00 -20.57
CA GLY A 1 0.40 17.49 -20.82
C GLY A 1 0.35 15.97 -20.85
N SER A 2 -0.82 15.43 -21.18
CA SER A 2 -0.99 13.98 -21.23
C SER A 2 -0.78 13.36 -19.85
N TRP A 3 -0.88 12.03 -19.79
CA TRP A 3 -0.70 11.32 -18.53
C TRP A 3 -1.66 11.83 -17.46
N GLY A 4 -2.83 11.22 -17.40
CA GLY A 4 -3.83 11.63 -16.41
C GLY A 4 -3.58 11.02 -15.05
N SER A 5 -2.70 11.63 -14.28
CA SER A 5 -2.37 11.14 -12.95
C SER A 5 -1.84 9.71 -13.01
N MET A 6 -1.54 9.14 -11.85
CA MET A 6 -1.04 7.78 -11.77
C MET A 6 -1.29 7.18 -10.38
N GLU A 7 -0.93 7.93 -9.35
CA GLU A 7 -1.11 7.48 -7.97
C GLU A 7 -2.25 8.23 -7.30
N ASN A 8 -2.56 7.85 -6.06
CA ASN A 8 -3.63 8.49 -5.32
C ASN A 8 -3.07 9.52 -4.34
N VAL A 9 -2.75 10.70 -4.86
CA VAL A 9 -2.20 11.77 -4.03
C VAL A 9 -0.78 11.44 -3.57
N ASN A 10 -0.67 10.49 -2.66
CA ASN A 10 0.63 10.08 -2.15
C ASN A 10 0.55 8.71 -1.48
N TYR A 11 -0.39 8.56 -0.56
CA TYR A 11 -0.58 7.31 0.16
C TYR A 11 -1.79 7.37 1.07
N ASP A 12 -2.06 8.57 1.60
CA ASP A 12 -3.20 8.76 2.49
C ASP A 12 -4.45 8.10 1.93
N LEU A 13 -4.58 8.10 0.62
CA LEU A 13 -5.74 7.49 -0.04
C LEU A 13 -5.58 5.98 -0.13
N LEU A 14 -4.37 5.54 -0.44
CA LEU A 14 -4.09 4.11 -0.55
C LEU A 14 -4.23 3.41 0.80
N GLN A 15 -3.44 3.84 1.76
CA GLN A 15 -3.49 3.26 3.10
C GLN A 15 -4.91 3.27 3.65
N LYS A 16 -5.66 4.31 3.32
CA LYS A 16 -7.04 4.44 3.77
C LYS A 16 -7.92 3.35 3.16
N GLN A 17 -7.64 3.01 1.91
CA GLN A 17 -8.41 1.99 1.21
C GLN A 17 -8.09 0.60 1.77
N VAL A 18 -6.81 0.27 1.82
CA VAL A 18 -6.37 -1.03 2.32
C VAL A 18 -6.76 -1.19 3.80
N LYS A 19 -6.75 -0.09 4.53
CA LYS A 19 -7.10 -0.12 5.96
C LYS A 19 -8.58 -0.46 6.14
N TYR A 20 -9.43 0.14 5.33
CA TYR A 20 -10.87 -0.10 5.40
C TYR A 20 -11.21 -1.51 4.93
N ILE A 21 -10.54 -1.96 3.88
CA ILE A 21 -10.76 -3.29 3.33
C ILE A 21 -10.30 -4.37 4.30
N MET A 22 -9.18 -4.11 4.97
CA MET A 22 -8.63 -5.06 5.92
C MET A 22 -9.69 -5.49 6.94
N ASP A 23 -10.62 -4.59 7.22
CA ASP A 23 -11.69 -4.87 8.17
C ASP A 23 -12.45 -6.12 7.78
N SER A 24 -12.98 -6.13 6.55
CA SER A 24 -13.75 -7.27 6.05
C SER A 24 -12.82 -8.43 5.72
N ASN A 25 -12.00 -8.25 4.69
CA ASN A 25 -11.07 -9.29 4.27
C ASN A 25 -9.65 -8.73 4.15
N MET A 26 -8.67 -9.62 4.10
CA MET A 26 -7.27 -9.22 3.99
C MET A 26 -6.68 -9.67 2.65
N LEU A 27 -6.93 -10.93 2.29
CA LEU A 27 -6.42 -11.49 1.05
C LEU A 27 -4.90 -11.36 0.97
N ASN A 28 -4.26 -11.34 2.13
CA ASN A 28 -2.81 -11.22 2.20
C ASN A 28 -2.33 -9.93 1.56
N LEU A 29 -3.19 -8.91 1.60
CA LEU A 29 -2.85 -7.60 1.03
C LEU A 29 -2.44 -7.74 -0.44
N PRO A 30 -3.43 -7.97 -1.31
CA PRO A 30 -3.21 -8.12 -2.74
C PRO A 30 -2.79 -6.81 -3.41
N GLN A 31 -3.21 -5.70 -2.82
CA GLN A 31 -2.87 -4.38 -3.35
C GLN A 31 -1.42 -4.03 -3.06
N PHE A 32 -0.50 -4.71 -3.74
CA PHE A 32 0.92 -4.48 -3.55
C PHE A 32 1.52 -3.77 -4.76
N GLN A 33 2.75 -3.29 -4.62
CA GLN A 33 3.43 -2.60 -5.71
C GLN A 33 4.94 -2.80 -5.63
N HIS A 34 5.35 -3.81 -4.85
CA HIS A 34 6.77 -4.10 -4.69
C HIS A 34 6.98 -5.57 -4.32
N LEU A 35 6.79 -5.88 -3.05
CA LEU A 35 6.95 -7.26 -2.57
C LEU A 35 8.39 -7.74 -2.78
N PRO A 36 9.13 -7.88 -1.68
CA PRO A 36 10.52 -8.34 -1.72
C PRO A 36 10.64 -9.82 -2.12
N GLN A 37 9.87 -10.66 -1.45
CA GLN A 37 9.88 -12.10 -1.74
C GLN A 37 8.92 -12.85 -0.83
N GLU A 38 9.02 -12.58 0.47
CA GLU A 38 8.17 -13.23 1.45
C GLU A 38 7.33 -12.20 2.22
N GLU A 39 7.95 -11.08 2.54
CA GLU A 39 7.28 -10.02 3.27
C GLU A 39 5.97 -9.63 2.59
N LYS A 40 4.86 -10.11 3.14
CA LYS A 40 3.54 -9.81 2.58
C LYS A 40 2.70 -9.00 3.56
N MET A 41 1.94 -8.04 3.03
CA MET A 41 1.09 -7.20 3.87
C MET A 41 1.93 -6.26 4.72
N SER A 42 2.62 -6.83 5.71
CA SER A 42 3.47 -6.03 6.60
C SER A 42 4.39 -5.12 5.81
N ALA A 43 4.93 -5.66 4.72
CA ALA A 43 5.84 -4.90 3.87
C ALA A 43 5.20 -3.58 3.41
N ILE A 44 3.90 -3.63 3.16
CA ILE A 44 3.18 -2.45 2.71
C ILE A 44 2.68 -1.63 3.89
N LEU A 45 2.93 -2.13 5.10
CA LEU A 45 2.52 -1.44 6.32
C LEU A 45 3.72 -0.88 7.06
N ALA A 46 4.92 -1.34 6.68
CA ALA A 46 6.15 -0.88 7.31
C ALA A 46 6.84 0.17 6.45
N MET A 47 6.61 0.11 5.14
CA MET A 47 7.21 1.06 4.22
C MET A 47 6.50 2.41 4.28
N LEU A 48 5.23 2.40 4.64
CA LEU A 48 4.44 3.61 4.75
C LEU A 48 4.79 4.38 6.01
N ASN A 49 5.27 3.66 7.02
CA ASN A 49 5.65 4.27 8.29
C ASN A 49 7.10 4.76 8.24
N SER A 50 8.00 3.88 7.80
CA SER A 50 9.42 4.22 7.72
C SER A 50 9.80 4.60 6.28
N ASN A 51 10.47 5.74 6.14
CA ASN A 51 10.90 6.20 4.83
C ASN A 51 12.00 5.31 4.26
N SER A 52 13.00 5.02 5.07
CA SER A 52 14.12 4.19 4.66
C SER A 52 14.66 3.37 5.83
N ASP A 53 15.27 2.24 5.51
CA ASP A 53 15.84 1.36 6.54
C ASP A 53 17.32 1.13 6.30
N GLY A 1 18.17 15.44 -4.64
CA GLY A 1 17.26 15.98 -5.62
C GLY A 1 15.82 15.57 -5.36
N SER A 2 15.08 15.31 -6.42
CA SER A 2 13.68 14.91 -6.30
C SER A 2 13.24 14.10 -7.52
N TRP A 3 12.70 12.91 -7.27
CA TRP A 3 12.23 12.06 -8.35
C TRP A 3 11.21 11.04 -7.83
N GLY A 4 10.01 11.09 -8.40
CA GLY A 4 8.96 10.17 -7.98
C GLY A 4 7.58 10.62 -8.42
N SER A 5 6.69 10.80 -7.44
CA SER A 5 5.33 11.23 -7.74
C SER A 5 4.88 12.32 -6.76
N MET A 6 5.15 13.57 -7.12
CA MET A 6 4.78 14.70 -6.28
C MET A 6 3.41 15.25 -6.68
N GLU A 7 3.30 15.67 -7.94
CA GLU A 7 2.04 16.22 -8.46
C GLU A 7 1.09 15.10 -8.86
N ASN A 8 0.61 14.35 -7.88
CA ASN A 8 -0.32 13.26 -8.13
C ASN A 8 -0.89 12.72 -6.82
N VAL A 9 -2.18 12.36 -6.86
CA VAL A 9 -2.85 11.83 -5.68
C VAL A 9 -3.61 10.54 -6.00
N ASN A 10 -2.95 9.41 -5.81
CA ASN A 10 -3.56 8.11 -6.09
C ASN A 10 -3.25 7.12 -4.97
N TYR A 11 -3.95 7.26 -3.85
CA TYR A 11 -3.75 6.37 -2.71
C TYR A 11 -4.77 6.65 -1.61
N ASP A 12 -5.10 7.92 -1.44
CA ASP A 12 -6.06 8.33 -0.43
C ASP A 12 -7.34 7.52 -0.53
N LEU A 13 -7.67 7.09 -1.75
CA LEU A 13 -8.87 6.30 -1.98
C LEU A 13 -8.66 4.84 -1.59
N LEU A 14 -7.45 4.34 -1.86
CA LEU A 14 -7.11 2.96 -1.54
C LEU A 14 -6.98 2.77 -0.03
N GLN A 15 -6.07 3.53 0.58
CA GLN A 15 -5.85 3.46 2.02
C GLN A 15 -7.14 3.73 2.79
N LYS A 16 -8.04 4.48 2.16
CA LYS A 16 -9.32 4.82 2.79
C LYS A 16 -10.12 3.57 3.11
N GLN A 17 -10.04 2.58 2.22
CA GLN A 17 -10.76 1.33 2.40
C GLN A 17 -9.90 0.31 3.15
N VAL A 18 -8.62 0.25 2.78
CA VAL A 18 -7.69 -0.69 3.42
C VAL A 18 -7.69 -0.50 4.94
N LYS A 19 -7.59 0.75 5.38
CA LYS A 19 -7.58 1.05 6.81
C LYS A 19 -8.80 0.46 7.50
N TYR A 20 -9.89 0.31 6.75
CA TYR A 20 -11.12 -0.26 7.29
C TYR A 20 -11.08 -1.78 7.29
N ILE A 21 -10.62 -2.35 6.18
CA ILE A 21 -10.53 -3.80 6.04
C ILE A 21 -9.56 -4.38 7.07
N MET A 22 -8.42 -3.72 7.25
CA MET A 22 -7.41 -4.18 8.19
C MET A 22 -8.02 -4.37 9.58
N ASP A 23 -8.87 -3.44 9.98
CA ASP A 23 -9.52 -3.50 11.29
C ASP A 23 -10.31 -4.80 11.44
N SER A 24 -10.95 -5.22 10.35
CA SER A 24 -11.75 -6.44 10.36
C SER A 24 -10.84 -7.67 10.39
N ASN A 25 -9.85 -7.68 9.52
CA ASN A 25 -8.91 -8.80 9.43
C ASN A 25 -7.86 -8.55 8.36
N MET A 26 -6.63 -9.00 8.63
CA MET A 26 -5.53 -8.82 7.70
C MET A 26 -5.85 -9.48 6.36
N LEU A 27 -6.53 -10.62 6.40
CA LEU A 27 -6.90 -11.34 5.19
C LEU A 27 -5.65 -11.74 4.41
N ASN A 28 -4.52 -11.82 5.10
CA ASN A 28 -3.27 -12.20 4.46
C ASN A 28 -2.87 -11.20 3.38
N LEU A 29 -3.09 -9.92 3.66
CA LEU A 29 -2.76 -8.86 2.71
C LEU A 29 -3.36 -9.15 1.35
N PRO A 30 -4.68 -8.91 1.22
CA PRO A 30 -5.40 -9.14 -0.04
C PRO A 30 -5.02 -8.13 -1.12
N GLN A 31 -5.03 -6.85 -0.75
CA GLN A 31 -4.68 -5.79 -1.70
C GLN A 31 -3.19 -5.80 -2.00
N PHE A 32 -2.77 -6.67 -2.91
CA PHE A 32 -1.36 -6.78 -3.28
C PHE A 32 -1.21 -6.93 -4.79
N GLN A 33 -0.24 -6.23 -5.36
CA GLN A 33 0.01 -6.29 -6.79
C GLN A 33 1.18 -5.38 -7.18
N HIS A 34 2.38 -5.74 -6.75
CA HIS A 34 3.56 -4.96 -7.05
C HIS A 34 4.81 -5.84 -7.08
N LEU A 35 5.26 -6.25 -5.89
CA LEU A 35 6.44 -7.10 -5.78
C LEU A 35 6.18 -8.48 -6.38
N PRO A 36 7.19 -9.02 -7.08
CA PRO A 36 7.09 -10.33 -7.71
C PRO A 36 7.06 -11.47 -6.70
N GLN A 37 7.32 -12.69 -7.16
CA GLN A 37 7.33 -13.85 -6.30
C GLN A 37 8.02 -13.54 -4.97
N GLU A 38 7.31 -13.80 -3.87
CA GLU A 38 7.85 -13.56 -2.53
C GLU A 38 7.99 -12.06 -2.28
N GLU A 39 8.69 -11.71 -1.21
CA GLU A 39 8.89 -10.31 -0.85
C GLU A 39 7.56 -9.58 -0.73
N LYS A 40 6.50 -10.32 -0.44
CA LYS A 40 5.17 -9.75 -0.31
C LYS A 40 4.79 -9.61 1.17
N MET A 41 3.52 -9.30 1.42
CA MET A 41 3.04 -9.14 2.78
C MET A 41 3.71 -7.96 3.47
N SER A 42 4.93 -8.17 3.94
CA SER A 42 5.69 -7.12 4.62
C SER A 42 5.69 -5.84 3.79
N ALA A 43 5.69 -5.99 2.47
CA ALA A 43 5.69 -4.84 1.58
C ALA A 43 4.51 -3.90 1.89
N ILE A 44 3.40 -4.48 2.33
CA ILE A 44 2.21 -3.71 2.66
C ILE A 44 2.30 -3.16 4.08
N LEU A 45 3.18 -3.74 4.88
CA LEU A 45 3.36 -3.30 6.27
C LEU A 45 4.45 -2.24 6.37
N ALA A 46 5.35 -2.23 5.38
CA ALA A 46 6.44 -1.27 5.36
C ALA A 46 6.11 -0.09 4.46
N MET A 47 5.20 -0.30 3.51
CA MET A 47 4.80 0.75 2.60
C MET A 47 3.88 1.75 3.28
N LEU A 48 3.08 1.26 4.23
CA LEU A 48 2.15 2.12 4.96
C LEU A 48 2.87 3.33 5.55
N ASN A 49 4.11 3.15 5.94
CA ASN A 49 4.91 4.23 6.52
C ASN A 49 5.54 5.07 5.42
N SER A 50 6.21 4.41 4.48
CA SER A 50 6.86 5.10 3.38
C SER A 50 5.97 5.12 2.14
N ASN A 51 5.37 6.27 1.87
CA ASN A 51 4.49 6.42 0.71
C ASN A 51 5.22 7.11 -0.44
N SER A 52 5.09 6.53 -1.63
CA SER A 52 5.73 7.09 -2.82
C SER A 52 4.72 7.76 -3.74
N ASP A 53 3.61 7.06 -3.98
CA ASP A 53 2.55 7.58 -4.85
C ASP A 53 2.12 8.97 -4.39
N GLY A 1 2.32 12.02 -20.60
CA GLY A 1 1.34 12.85 -19.91
C GLY A 1 1.84 13.32 -18.56
N SER A 2 1.92 12.40 -17.61
CA SER A 2 2.37 12.72 -16.26
C SER A 2 1.32 13.54 -15.51
N TRP A 3 1.12 14.78 -15.94
CA TRP A 3 0.14 15.66 -15.31
C TRP A 3 0.39 15.76 -13.82
N GLY A 4 1.26 16.69 -13.44
CA GLY A 4 1.58 16.87 -12.02
C GLY A 4 2.73 17.83 -11.81
N SER A 5 2.88 18.30 -10.57
CA SER A 5 3.94 19.24 -10.23
C SER A 5 4.82 18.69 -9.12
N MET A 6 5.67 17.72 -9.47
CA MET A 6 6.56 17.11 -8.49
C MET A 6 5.78 16.41 -7.39
N GLU A 7 6.49 15.82 -6.44
CA GLU A 7 5.86 15.13 -5.33
C GLU A 7 4.88 14.06 -5.83
N ASN A 8 4.16 13.44 -4.91
CA ASN A 8 3.20 12.40 -5.26
C ASN A 8 2.43 11.94 -4.03
N VAL A 9 1.29 12.57 -3.77
CA VAL A 9 0.46 12.22 -2.63
C VAL A 9 -0.93 11.75 -3.08
N ASN A 10 -1.00 10.51 -3.55
CA ASN A 10 -2.26 9.94 -4.01
C ASN A 10 -2.67 8.76 -3.14
N TYR A 11 -1.68 8.08 -2.57
CA TYR A 11 -1.94 6.92 -1.71
C TYR A 11 -2.83 7.31 -0.53
N ASP A 12 -2.80 8.59 -0.18
CA ASP A 12 -3.61 9.09 0.93
C ASP A 12 -5.06 8.68 0.78
N LEU A 13 -5.51 8.53 -0.46
CA LEU A 13 -6.88 8.13 -0.74
C LEU A 13 -7.06 6.63 -0.62
N LEU A 14 -6.05 5.88 -1.08
CA LEU A 14 -6.09 4.42 -1.02
C LEU A 14 -6.00 3.94 0.43
N GLN A 15 -5.23 4.66 1.24
CA GLN A 15 -5.06 4.30 2.65
C GLN A 15 -6.42 4.16 3.34
N LYS A 16 -7.29 5.13 3.12
CA LYS A 16 -8.62 5.13 3.71
C LYS A 16 -9.33 3.80 3.44
N GLN A 17 -9.02 3.19 2.30
CA GLN A 17 -9.63 1.93 1.92
C GLN A 17 -8.92 0.75 2.58
N VAL A 18 -7.61 0.69 2.40
CA VAL A 18 -6.80 -0.39 2.98
C VAL A 18 -7.07 -0.51 4.48
N LYS A 19 -7.20 0.63 5.14
CA LYS A 19 -7.46 0.66 6.58
C LYS A 19 -8.78 -0.02 6.91
N TYR A 20 -9.77 0.19 6.04
CA TYR A 20 -11.09 -0.41 6.24
C TYR A 20 -11.08 -1.89 5.90
N ILE A 21 -10.36 -2.24 4.84
CA ILE A 21 -10.27 -3.63 4.41
C ILE A 21 -9.45 -4.46 5.39
N MET A 22 -8.47 -3.82 6.03
CA MET A 22 -7.62 -4.49 6.99
C MET A 22 -8.45 -5.21 8.05
N ASP A 23 -9.60 -4.63 8.37
CA ASP A 23 -10.49 -5.22 9.38
C ASP A 23 -11.61 -6.00 8.71
N SER A 24 -11.28 -6.73 7.65
CA SER A 24 -12.26 -7.53 6.93
C SER A 24 -11.71 -8.91 6.60
N ASN A 25 -10.76 -8.95 5.68
CA ASN A 25 -10.15 -10.21 5.26
C ASN A 25 -8.74 -10.34 5.84
N MET A 26 -8.36 -11.58 6.17
CA MET A 26 -7.03 -11.84 6.72
C MET A 26 -6.39 -13.05 6.05
N LEU A 27 -5.77 -12.82 4.90
CA LEU A 27 -5.11 -13.90 4.15
C LEU A 27 -3.73 -13.47 3.69
N ASN A 28 -3.69 -12.61 2.68
CA ASN A 28 -2.41 -12.13 2.15
C ASN A 28 -2.49 -10.62 1.87
N LEU A 29 -3.35 -9.93 2.60
CA LEU A 29 -3.52 -8.49 2.44
C LEU A 29 -3.99 -8.16 1.03
N PRO A 30 -4.80 -7.08 0.92
CA PRO A 30 -5.34 -6.62 -0.36
C PRO A 30 -4.27 -6.04 -1.27
N GLN A 31 -4.62 -5.80 -2.53
CA GLN A 31 -3.68 -5.24 -3.49
C GLN A 31 -2.46 -6.13 -3.66
N PHE A 32 -1.40 -5.82 -2.92
CA PHE A 32 -0.17 -6.59 -2.98
C PHE A 32 0.23 -6.87 -4.42
N GLN A 33 1.00 -5.95 -5.01
CA GLN A 33 1.45 -6.09 -6.38
C GLN A 33 2.91 -6.54 -6.44
N HIS A 34 3.30 -7.37 -5.47
CA HIS A 34 4.66 -7.87 -5.41
C HIS A 34 4.81 -8.90 -4.30
N LEU A 35 5.42 -10.04 -4.63
CA LEU A 35 5.63 -11.11 -3.66
C LEU A 35 6.62 -12.14 -4.19
N PRO A 36 7.91 -11.77 -4.19
CA PRO A 36 8.98 -12.65 -4.66
C PRO A 36 9.22 -13.83 -3.72
N GLN A 37 9.40 -13.54 -2.45
CA GLN A 37 9.64 -14.57 -1.44
C GLN A 37 9.87 -13.96 -0.07
N GLU A 38 9.28 -14.57 0.95
CA GLU A 38 9.43 -14.08 2.32
C GLU A 38 9.15 -12.58 2.39
N GLU A 39 7.87 -12.21 2.33
CA GLU A 39 7.48 -10.81 2.39
C GLU A 39 5.96 -10.67 2.30
N LYS A 40 5.25 -11.32 3.23
CA LYS A 40 3.80 -11.26 3.26
C LYS A 40 3.31 -10.36 4.38
N MET A 41 2.30 -9.55 4.10
CA MET A 41 1.74 -8.65 5.08
C MET A 41 2.72 -7.52 5.41
N SER A 42 3.79 -7.87 6.10
CA SER A 42 4.81 -6.89 6.49
C SER A 42 5.23 -6.04 5.28
N ALA A 43 5.42 -6.70 4.14
CA ALA A 43 5.82 -6.01 2.92
C ALA A 43 4.84 -4.88 2.59
N ILE A 44 3.56 -5.12 2.83
CA ILE A 44 2.53 -4.12 2.56
C ILE A 44 2.36 -3.17 3.74
N LEU A 45 3.03 -3.48 4.84
CA LEU A 45 2.96 -2.65 6.04
C LEU A 45 4.20 -1.77 6.17
N ALA A 46 5.25 -2.14 5.45
CA ALA A 46 6.50 -1.38 5.48
C ALA A 46 6.71 -0.61 4.18
N MET A 47 5.95 -0.96 3.16
CA MET A 47 6.05 -0.30 1.87
C MET A 47 5.12 0.91 1.80
N LEU A 48 3.96 0.81 2.44
CA LEU A 48 2.99 1.89 2.46
C LEU A 48 3.49 3.06 3.31
N ASN A 49 4.36 2.75 4.27
CA ASN A 49 4.92 3.77 5.15
C ASN A 49 5.79 4.75 4.36
N SER A 50 6.91 4.23 3.85
CA SER A 50 7.83 5.06 3.08
C SER A 50 8.14 4.42 1.73
N ASN A 51 8.53 5.25 0.76
CA ASN A 51 8.85 4.77 -0.58
C ASN A 51 10.22 5.29 -1.03
N SER A 52 10.57 4.98 -2.27
CA SER A 52 11.85 5.41 -2.83
C SER A 52 11.75 6.84 -3.37
N ASP A 53 11.46 7.78 -2.48
CA ASP A 53 11.34 9.18 -2.88
C ASP A 53 12.13 10.07 -1.92
N GLY A 1 12.39 13.74 -2.50
CA GLY A 1 13.80 13.80 -2.17
C GLY A 1 14.62 14.53 -3.21
N SER A 2 14.23 14.37 -4.47
CA SER A 2 14.94 15.02 -5.58
C SER A 2 14.17 14.85 -6.89
N TRP A 3 13.70 13.63 -7.15
CA TRP A 3 12.96 13.35 -8.36
C TRP A 3 11.56 12.82 -8.02
N GLY A 4 10.54 13.54 -8.49
CA GLY A 4 9.17 13.13 -8.24
C GLY A 4 8.50 14.00 -7.19
N SER A 5 7.40 14.63 -7.58
CA SER A 5 6.65 15.50 -6.67
C SER A 5 5.16 15.24 -6.77
N MET A 6 4.65 14.36 -5.92
CA MET A 6 3.23 14.03 -5.91
C MET A 6 2.85 13.25 -7.17
N GLU A 7 2.74 13.96 -8.29
CA GLU A 7 2.39 13.35 -9.56
C GLU A 7 1.01 12.69 -9.48
N ASN A 8 0.16 13.22 -8.60
CA ASN A 8 -1.18 12.69 -8.42
C ASN A 8 -1.14 11.22 -7.99
N VAL A 9 -0.91 10.98 -6.71
CA VAL A 9 -0.85 9.62 -6.18
C VAL A 9 -2.24 9.11 -5.81
N ASN A 10 -3.10 10.02 -5.36
CA ASN A 10 -4.46 9.66 -4.96
C ASN A 10 -4.44 8.53 -3.93
N TYR A 11 -3.85 8.80 -2.78
CA TYR A 11 -3.77 7.81 -1.70
C TYR A 11 -4.97 7.94 -0.76
N ASP A 12 -5.56 9.13 -0.71
CA ASP A 12 -6.71 9.37 0.15
C ASP A 12 -7.79 8.33 -0.07
N LEU A 13 -7.86 7.80 -1.29
CA LEU A 13 -8.85 6.80 -1.63
C LEU A 13 -8.39 5.41 -1.18
N LEU A 14 -7.11 5.14 -1.33
CA LEU A 14 -6.54 3.85 -0.93
C LEU A 14 -6.56 3.69 0.59
N GLN A 15 -6.30 4.79 1.29
CA GLN A 15 -6.30 4.78 2.75
C GLN A 15 -7.66 4.36 3.30
N LYS A 16 -8.72 4.84 2.65
CA LYS A 16 -10.08 4.52 3.07
C LYS A 16 -10.34 3.02 2.99
N GLN A 17 -9.66 2.35 2.05
CA GLN A 17 -9.82 0.92 1.88
C GLN A 17 -8.97 0.15 2.87
N VAL A 18 -7.66 0.40 2.85
CA VAL A 18 -6.74 -0.28 3.76
C VAL A 18 -7.21 -0.15 5.21
N LYS A 19 -7.68 1.03 5.58
CA LYS A 19 -8.15 1.28 6.94
C LYS A 19 -9.32 0.35 7.27
N TYR A 20 -10.28 0.26 6.36
CA TYR A 20 -11.44 -0.59 6.56
C TYR A 20 -11.05 -2.05 6.66
N ILE A 21 -10.17 -2.49 5.75
CA ILE A 21 -9.71 -3.87 5.74
C ILE A 21 -8.93 -4.20 7.01
N MET A 22 -8.20 -3.21 7.53
CA MET A 22 -7.42 -3.40 8.74
C MET A 22 -8.31 -3.74 9.92
N ASP A 23 -9.52 -3.20 9.91
CA ASP A 23 -10.48 -3.45 10.99
C ASP A 23 -11.44 -4.57 10.61
N SER A 24 -10.91 -5.62 9.99
CA SER A 24 -11.72 -6.76 9.58
C SER A 24 -11.12 -8.07 10.05
N ASN A 25 -9.90 -8.36 9.60
CA ASN A 25 -9.22 -9.58 9.98
C ASN A 25 -7.71 -9.34 10.10
N MET A 26 -7.09 -8.87 9.02
CA MET A 26 -5.66 -8.60 9.01
C MET A 26 -4.87 -9.86 9.35
N LEU A 27 -4.49 -10.60 8.33
CA LEU A 27 -3.72 -11.83 8.52
C LEU A 27 -2.42 -11.78 7.74
N ASN A 28 -2.52 -11.84 6.42
CA ASN A 28 -1.34 -11.81 5.56
C ASN A 28 -1.56 -10.86 4.39
N LEU A 29 -2.17 -9.71 4.66
CA LEU A 29 -2.43 -8.72 3.63
C LEU A 29 -3.18 -9.35 2.45
N PRO A 30 -4.49 -9.48 2.59
CA PRO A 30 -5.35 -10.06 1.54
C PRO A 30 -5.47 -9.15 0.32
N GLN A 31 -5.76 -7.88 0.57
CA GLN A 31 -5.91 -6.91 -0.52
C GLN A 31 -4.57 -6.63 -1.18
N PHE A 32 -4.22 -7.46 -2.16
CA PHE A 32 -2.96 -7.31 -2.88
C PHE A 32 -3.21 -7.16 -4.38
N GLN A 33 -3.80 -8.19 -4.98
CA GLN A 33 -4.09 -8.17 -6.41
C GLN A 33 -2.83 -8.40 -7.22
N HIS A 34 -1.85 -7.50 -7.05
CA HIS A 34 -0.58 -7.60 -7.77
C HIS A 34 0.57 -7.80 -6.80
N LEU A 35 1.36 -8.85 -7.03
CA LEU A 35 2.50 -9.15 -6.18
C LEU A 35 3.66 -9.72 -7.00
N PRO A 36 4.88 -9.22 -6.75
CA PRO A 36 6.08 -9.67 -7.44
C PRO A 36 6.48 -11.09 -7.06
N GLN A 37 7.68 -11.50 -7.46
CA GLN A 37 8.18 -12.83 -7.16
C GLN A 37 8.05 -13.13 -5.67
N GLU A 38 8.74 -12.34 -4.85
CA GLU A 38 8.70 -12.53 -3.40
C GLU A 38 8.61 -11.19 -2.68
N GLU A 39 7.44 -10.89 -2.14
CA GLU A 39 7.22 -9.64 -1.43
C GLU A 39 5.82 -9.60 -0.83
N LYS A 40 5.75 -9.62 0.50
CA LYS A 40 4.47 -9.58 1.20
C LYS A 40 4.39 -8.36 2.11
N MET A 41 3.25 -7.67 2.07
CA MET A 41 3.05 -6.49 2.89
C MET A 41 3.92 -5.34 2.42
N SER A 42 5.22 -5.47 2.60
CA SER A 42 6.17 -4.44 2.19
C SER A 42 5.88 -3.96 0.77
N ALA A 43 5.53 -4.89 -0.10
CA ALA A 43 5.22 -4.57 -1.49
C ALA A 43 4.05 -3.59 -1.57
N ILE A 44 3.03 -3.84 -0.77
CA ILE A 44 1.85 -2.99 -0.75
C ILE A 44 1.97 -1.90 0.32
N LEU A 45 3.15 -1.81 0.93
CA LEU A 45 3.40 -0.81 1.96
C LEU A 45 4.48 0.17 1.52
N ALA A 46 5.26 -0.21 0.53
CA ALA A 46 6.33 0.63 0.01
C ALA A 46 5.86 1.41 -1.22
N MET A 47 4.84 0.91 -1.88
CA MET A 47 4.29 1.56 -3.07
C MET A 47 3.19 2.55 -2.70
N LEU A 48 2.56 2.32 -1.55
CA LEU A 48 1.49 3.19 -1.08
C LEU A 48 1.98 4.10 0.04
N ASN A 49 2.64 3.51 1.03
CA ASN A 49 3.17 4.27 2.17
C ASN A 49 4.58 4.76 1.87
N SER A 50 5.39 3.91 1.25
CA SER A 50 6.77 4.28 0.91
C SER A 50 7.56 4.59 2.17
N ASN A 51 8.24 3.58 2.70
CA ASN A 51 9.06 3.74 3.90
C ASN A 51 10.48 4.16 3.55
N SER A 52 11.15 4.83 4.49
CA SER A 52 12.51 5.29 4.28
C SER A 52 13.42 4.13 3.90
N ASP A 53 13.32 3.04 4.65
CA ASP A 53 14.13 1.85 4.40
C ASP A 53 13.30 0.74 3.77
N GLY A 1 -16.05 12.12 -16.16
CA GLY A 1 -15.42 11.13 -17.01
C GLY A 1 -14.84 9.97 -16.21
N SER A 2 -14.09 9.10 -16.89
CA SER A 2 -13.49 7.95 -16.23
C SER A 2 -12.12 8.31 -15.68
N TRP A 3 -11.36 9.10 -16.43
CA TRP A 3 -10.03 9.51 -16.01
C TRP A 3 -10.01 10.99 -15.62
N GLY A 4 -9.50 11.28 -14.43
CA GLY A 4 -9.44 12.64 -13.95
C GLY A 4 -8.23 13.39 -14.49
N SER A 5 -7.86 14.47 -13.80
CA SER A 5 -6.71 15.27 -14.21
C SER A 5 -5.71 15.41 -13.08
N MET A 6 -4.48 15.79 -13.43
CA MET A 6 -3.43 15.96 -12.43
C MET A 6 -3.12 14.65 -11.72
N GLU A 7 -2.14 14.67 -10.83
CA GLU A 7 -1.76 13.48 -10.09
C GLU A 7 -2.29 13.53 -8.66
N ASN A 8 -1.83 14.52 -7.90
CA ASN A 8 -2.28 14.68 -6.51
C ASN A 8 -1.85 13.48 -5.67
N VAL A 9 -0.81 13.67 -4.86
CA VAL A 9 -0.31 12.60 -4.00
C VAL A 9 -1.07 12.56 -2.68
N ASN A 10 -1.88 11.52 -2.50
CA ASN A 10 -2.65 11.37 -1.27
C ASN A 10 -2.54 9.94 -0.73
N TYR A 11 -1.86 9.79 0.39
CA TYR A 11 -1.68 8.49 1.02
C TYR A 11 -2.76 8.23 2.07
N ASP A 12 -3.34 9.30 2.60
CA ASP A 12 -4.37 9.19 3.61
C ASP A 12 -5.49 8.26 3.15
N LEU A 13 -5.69 8.19 1.83
CA LEU A 13 -6.73 7.34 1.26
C LEU A 13 -6.23 5.90 1.13
N LEU A 14 -4.97 5.75 0.75
CA LEU A 14 -4.37 4.43 0.59
C LEU A 14 -4.32 3.69 1.92
N GLN A 15 -3.62 4.26 2.89
CA GLN A 15 -3.50 3.66 4.21
C GLN A 15 -4.87 3.31 4.79
N LYS A 16 -5.74 4.32 4.87
CA LYS A 16 -7.08 4.11 5.39
C LYS A 16 -7.79 2.99 4.66
N GLN A 17 -7.46 2.82 3.38
CA GLN A 17 -8.07 1.77 2.57
C GLN A 17 -7.50 0.40 2.92
N VAL A 18 -6.18 0.27 2.83
CA VAL A 18 -5.50 -0.99 3.15
C VAL A 18 -5.95 -1.51 4.52
N LYS A 19 -6.04 -0.62 5.49
CA LYS A 19 -6.45 -0.99 6.84
C LYS A 19 -7.81 -1.69 6.82
N TYR A 20 -8.66 -1.28 5.88
CA TYR A 20 -9.99 -1.87 5.76
C TYR A 20 -9.96 -3.14 4.92
N ILE A 21 -9.44 -3.03 3.70
CA ILE A 21 -9.33 -4.17 2.80
C ILE A 21 -8.57 -5.31 3.45
N MET A 22 -7.72 -4.98 4.41
CA MET A 22 -6.92 -5.99 5.11
C MET A 22 -7.81 -7.10 5.65
N ASP A 23 -9.05 -6.76 5.98
CA ASP A 23 -10.00 -7.73 6.51
C ASP A 23 -10.71 -8.47 5.38
N SER A 24 -9.91 -9.06 4.48
CA SER A 24 -10.46 -9.79 3.35
C SER A 24 -9.42 -10.74 2.76
N ASN A 25 -8.48 -10.17 2.00
CA ASN A 25 -7.44 -10.97 1.38
C ASN A 25 -6.49 -10.08 0.57
N MET A 26 -6.96 -9.65 -0.60
CA MET A 26 -6.17 -8.78 -1.47
C MET A 26 -6.21 -7.34 -1.00
N LEU A 27 -5.26 -6.96 -0.16
CA LEU A 27 -5.20 -5.61 0.37
C LEU A 27 -5.07 -4.60 -0.76
N ASN A 28 -4.87 -3.33 -0.40
CA ASN A 28 -4.73 -2.26 -1.38
C ASN A 28 -3.26 -2.04 -1.73
N LEU A 29 -2.49 -3.12 -1.80
CA LEU A 29 -1.08 -3.04 -2.12
C LEU A 29 -0.78 -3.77 -3.43
N PRO A 30 -1.19 -3.16 -4.56
CA PRO A 30 -0.97 -3.75 -5.89
C PRO A 30 0.50 -3.72 -6.29
N GLN A 31 1.30 -2.95 -5.57
CA GLN A 31 2.73 -2.85 -5.86
C GLN A 31 3.54 -3.72 -4.91
N PHE A 32 3.67 -5.00 -5.27
CA PHE A 32 4.42 -5.94 -4.44
C PHE A 32 5.33 -6.80 -5.31
N GLN A 33 6.24 -7.54 -4.67
CA GLN A 33 7.17 -8.40 -5.38
C GLN A 33 7.75 -9.46 -4.44
N HIS A 34 6.96 -9.84 -3.44
CA HIS A 34 7.38 -10.86 -2.48
C HIS A 34 6.26 -11.20 -1.51
N LEU A 35 6.12 -12.47 -1.18
CA LEU A 35 5.08 -12.93 -0.27
C LEU A 35 5.22 -14.42 0.01
N PRO A 36 6.12 -14.77 0.94
CA PRO A 36 6.36 -16.16 1.32
C PRO A 36 5.19 -16.77 2.10
N GLN A 37 4.71 -16.04 3.11
CA GLN A 37 3.60 -16.51 3.92
C GLN A 37 3.25 -15.50 5.01
N GLU A 38 4.27 -15.06 5.74
CA GLU A 38 4.07 -14.09 6.81
C GLU A 38 4.88 -12.81 6.55
N GLU A 39 4.47 -12.08 5.52
CA GLU A 39 5.16 -10.84 5.17
C GLU A 39 4.43 -10.13 4.01
N LYS A 40 3.19 -9.74 4.25
CA LYS A 40 2.39 -9.06 3.24
C LYS A 40 1.97 -7.68 3.72
N MET A 41 1.64 -6.80 2.78
CA MET A 41 1.21 -5.46 3.11
C MET A 41 2.31 -4.71 3.88
N SER A 42 2.35 -4.91 5.19
CA SER A 42 3.35 -4.26 6.04
C SER A 42 4.74 -4.38 5.43
N ALA A 43 4.95 -5.42 4.64
CA ALA A 43 6.23 -5.65 4.00
C ALA A 43 6.67 -4.43 3.20
N ILE A 44 5.72 -3.81 2.50
CA ILE A 44 6.01 -2.63 1.70
C ILE A 44 5.95 -1.36 2.54
N LEU A 45 5.47 -1.50 3.77
CA LEU A 45 5.35 -0.37 4.68
C LEU A 45 6.53 -0.32 5.64
N ALA A 46 7.25 -1.44 5.74
CA ALA A 46 8.41 -1.52 6.62
C ALA A 46 9.69 -1.19 5.88
N MET A 47 9.70 -1.47 4.57
CA MET A 47 10.88 -1.19 3.75
C MET A 47 10.87 0.26 3.26
N LEU A 48 9.69 0.86 3.23
CA LEU A 48 9.54 2.24 2.78
C LEU A 48 9.57 3.21 3.96
N ASN A 49 8.63 3.04 4.89
CA ASN A 49 8.55 3.89 6.07
C ASN A 49 9.86 3.84 6.86
N SER A 50 10.20 2.66 7.35
CA SER A 50 11.42 2.49 8.13
C SER A 50 12.65 2.76 7.27
N ASN A 51 13.71 3.24 7.92
CA ASN A 51 14.95 3.54 7.21
C ASN A 51 15.66 2.27 6.78
N SER A 52 15.88 2.13 5.47
CA SER A 52 16.54 0.96 4.92
C SER A 52 17.65 1.36 3.95
N ASP A 53 18.66 0.52 3.84
CA ASP A 53 19.78 0.78 2.94
C ASP A 53 19.31 0.93 1.51
N GLY A 1 0.61 15.27 8.12
CA GLY A 1 1.47 15.50 6.97
C GLY A 1 1.45 16.95 6.51
N SER A 2 1.58 17.15 5.21
CA SER A 2 1.58 18.49 4.64
C SER A 2 0.86 18.52 3.30
N TRP A 3 0.79 19.70 2.70
CA TRP A 3 0.12 19.86 1.41
C TRP A 3 1.14 19.93 0.28
N GLY A 4 1.16 18.89 -0.55
CA GLY A 4 2.09 18.84 -1.66
C GLY A 4 1.65 17.88 -2.75
N SER A 5 1.74 18.30 -4.00
CA SER A 5 1.35 17.48 -5.13
C SER A 5 -0.12 17.05 -5.01
N MET A 6 -1.01 17.87 -5.56
CA MET A 6 -2.44 17.57 -5.52
C MET A 6 -2.81 16.49 -6.53
N GLU A 7 -2.70 16.82 -7.80
CA GLU A 7 -3.01 15.88 -8.87
C GLU A 7 -1.80 15.60 -9.74
N ASN A 8 -1.15 14.47 -9.50
CA ASN A 8 0.04 14.08 -10.26
C ASN A 8 0.11 12.56 -10.42
N VAL A 9 -0.13 11.84 -9.32
CA VAL A 9 -0.08 10.39 -9.32
C VAL A 9 -1.31 9.80 -8.64
N ASN A 10 -1.61 8.54 -8.95
CA ASN A 10 -2.75 7.86 -8.36
C ASN A 10 -2.31 6.95 -7.21
N TYR A 11 -2.93 7.14 -6.05
CA TYR A 11 -2.60 6.33 -4.88
C TYR A 11 -3.54 6.66 -3.72
N ASP A 12 -3.95 7.92 -3.63
CA ASP A 12 -4.85 8.37 -2.58
C ASP A 12 -6.06 7.46 -2.47
N LEU A 13 -6.46 6.88 -3.60
CA LEU A 13 -7.61 5.99 -3.63
C LEU A 13 -7.23 4.59 -3.13
N LEU A 14 -6.01 4.17 -3.45
CA LEU A 14 -5.52 2.87 -3.03
C LEU A 14 -5.26 2.83 -1.53
N GLN A 15 -4.40 3.73 -1.06
CA GLN A 15 -4.06 3.81 0.35
C GLN A 15 -5.31 3.90 1.20
N LYS A 16 -6.35 4.54 0.67
CA LYS A 16 -7.62 4.69 1.38
C LYS A 16 -8.35 3.35 1.48
N GLN A 17 -8.27 2.57 0.41
CA GLN A 17 -8.93 1.26 0.37
C GLN A 17 -8.26 0.29 1.33
N VAL A 18 -6.93 0.27 1.33
CA VAL A 18 -6.18 -0.62 2.20
C VAL A 18 -6.25 -0.16 3.66
N LYS A 19 -6.28 1.15 3.84
CA LYS A 19 -6.35 1.73 5.19
C LYS A 19 -7.67 1.37 5.86
N TYR A 20 -8.69 1.10 5.05
CA TYR A 20 -10.00 0.74 5.57
C TYR A 20 -10.12 -0.77 5.75
N ILE A 21 -9.74 -1.51 4.72
CA ILE A 21 -9.80 -2.97 4.76
C ILE A 21 -8.99 -3.52 5.93
N MET A 22 -7.79 -2.99 6.12
CA MET A 22 -6.92 -3.42 7.21
C MET A 22 -7.63 -3.28 8.56
N ASP A 23 -8.38 -2.20 8.72
CA ASP A 23 -9.11 -1.95 9.95
C ASP A 23 -10.43 -2.71 9.97
N SER A 24 -10.36 -4.03 9.95
CA SER A 24 -11.55 -4.87 9.96
C SER A 24 -11.19 -6.34 10.15
N ASN A 25 -10.30 -6.84 9.30
CA ASN A 25 -9.86 -8.23 9.37
C ASN A 25 -8.60 -8.36 10.21
N MET A 26 -7.72 -7.35 10.11
CA MET A 26 -6.48 -7.35 10.87
C MET A 26 -5.64 -8.58 10.53
N LEU A 27 -5.76 -9.05 9.29
CA LEU A 27 -5.01 -10.21 8.84
C LEU A 27 -3.58 -9.84 8.47
N ASN A 28 -2.82 -10.82 8.01
CA ASN A 28 -1.43 -10.59 7.62
C ASN A 28 -1.35 -9.95 6.24
N LEU A 29 -1.89 -8.74 6.12
CA LEU A 29 -1.88 -8.02 4.85
C LEU A 29 -2.57 -8.83 3.76
N PRO A 30 -3.89 -8.65 3.62
CA PRO A 30 -4.69 -9.36 2.61
C PRO A 30 -4.38 -8.88 1.20
N GLN A 31 -3.13 -9.05 0.79
CA GLN A 31 -2.71 -8.64 -0.55
C GLN A 31 -2.93 -7.14 -0.76
N PHE A 32 -2.43 -6.62 -1.87
CA PHE A 32 -2.56 -5.20 -2.18
C PHE A 32 -2.90 -5.00 -3.65
N GLN A 33 -1.88 -5.08 -4.51
CA GLN A 33 -2.08 -4.90 -5.94
C GLN A 33 -0.74 -4.76 -6.66
N HIS A 34 0.27 -5.46 -6.16
CA HIS A 34 1.61 -5.41 -6.76
C HIS A 34 2.54 -6.41 -6.08
N LEU A 35 2.08 -7.65 -5.96
CA LEU A 35 2.88 -8.70 -5.33
C LEU A 35 4.00 -9.15 -6.25
N PRO A 36 5.14 -9.54 -5.64
CA PRO A 36 6.32 -9.99 -6.38
C PRO A 36 6.10 -11.34 -7.06
N GLN A 37 5.59 -12.30 -6.29
CA GLN A 37 5.34 -13.64 -6.81
C GLN A 37 4.72 -14.53 -5.73
N GLU A 38 5.17 -14.34 -4.49
CA GLU A 38 4.67 -15.14 -3.37
C GLU A 38 5.21 -14.61 -2.05
N GLU A 39 5.24 -13.28 -1.91
CA GLU A 39 5.74 -12.66 -0.69
C GLU A 39 4.59 -12.31 0.25
N LYS A 40 3.77 -11.35 -0.16
CA LYS A 40 2.63 -10.92 0.64
C LYS A 40 3.10 -10.23 1.92
N MET A 41 2.55 -9.05 2.18
CA MET A 41 2.91 -8.28 3.37
C MET A 41 4.34 -7.76 3.27
N SER A 42 5.31 -8.67 3.34
CA SER A 42 6.72 -8.28 3.26
C SER A 42 6.96 -7.35 2.08
N ALA A 43 6.33 -7.65 0.96
CA ALA A 43 6.48 -6.83 -0.24
C ALA A 43 6.05 -5.39 0.02
N ILE A 44 4.99 -5.23 0.79
CA ILE A 44 4.47 -3.90 1.12
C ILE A 44 5.19 -3.33 2.34
N LEU A 45 6.10 -4.11 2.92
CA LEU A 45 6.85 -3.66 4.08
C LEU A 45 8.33 -3.52 3.74
N ALA A 46 8.70 -3.92 2.54
CA ALA A 46 10.09 -3.81 2.09
C ALA A 46 10.27 -2.67 1.10
N MET A 47 9.17 -2.25 0.48
CA MET A 47 9.20 -1.16 -0.49
C MET A 47 9.14 0.19 0.21
N LEU A 48 8.28 0.29 1.22
CA LEU A 48 8.12 1.53 1.97
C LEU A 48 9.39 1.85 2.76
N ASN A 49 10.05 0.81 3.26
CA ASN A 49 11.27 0.97 4.02
C ASN A 49 12.47 1.18 3.11
N SER A 50 12.71 0.22 2.23
CA SER A 50 13.82 0.30 1.29
C SER A 50 13.33 0.58 -0.13
N ASN A 51 13.92 1.58 -0.78
CA ASN A 51 13.54 1.94 -2.13
C ASN A 51 13.68 0.75 -3.08
N SER A 52 14.91 0.26 -3.23
CA SER A 52 15.19 -0.87 -4.10
C SER A 52 15.57 -2.10 -3.29
N ASP A 53 16.68 -2.02 -2.58
CA ASP A 53 17.15 -3.12 -1.76
C ASP A 53 17.38 -2.68 -0.31
N GLY A 1 -2.12 0.41 -14.92
CA GLY A 1 -2.15 1.83 -14.60
C GLY A 1 -0.82 2.34 -14.08
N SER A 2 -0.10 3.06 -14.93
CA SER A 2 1.21 3.60 -14.56
C SER A 2 2.16 2.47 -14.13
N TRP A 3 3.35 2.86 -13.70
CA TRP A 3 4.35 1.89 -13.26
C TRP A 3 4.86 2.23 -11.86
N GLY A 4 5.14 3.50 -11.63
CA GLY A 4 5.63 3.93 -10.32
C GLY A 4 5.53 5.43 -10.14
N SER A 5 4.30 5.94 -10.10
CA SER A 5 4.08 7.37 -9.92
C SER A 5 4.83 8.18 -10.98
N MET A 6 4.29 8.20 -12.19
CA MET A 6 4.91 8.93 -13.29
C MET A 6 4.74 10.43 -13.10
N GLU A 7 3.49 10.89 -13.14
CA GLU A 7 3.19 12.31 -12.97
C GLU A 7 2.28 12.54 -11.78
N ASN A 8 1.16 11.83 -11.75
CA ASN A 8 0.19 11.97 -10.66
C ASN A 8 0.31 10.79 -9.69
N VAL A 9 0.20 11.08 -8.40
CA VAL A 9 0.29 10.05 -7.37
C VAL A 9 -1.04 9.37 -7.16
N ASN A 10 -2.10 10.17 -6.99
CA ASN A 10 -3.44 9.65 -6.77
C ASN A 10 -3.47 8.72 -5.56
N TYR A 11 -3.08 9.26 -4.41
CA TYR A 11 -3.07 8.47 -3.18
C TYR A 11 -4.40 8.59 -2.44
N ASP A 12 -5.18 9.60 -2.81
CA ASP A 12 -6.48 9.82 -2.18
C ASP A 12 -7.38 8.60 -2.34
N LEU A 13 -7.09 7.79 -3.36
CA LEU A 13 -7.88 6.60 -3.62
C LEU A 13 -7.25 5.37 -2.95
N LEU A 14 -6.03 5.55 -2.43
CA LEU A 14 -5.32 4.46 -1.76
C LEU A 14 -5.60 4.47 -0.25
N GLN A 15 -5.52 5.66 0.34
CA GLN A 15 -5.77 5.81 1.77
C GLN A 15 -7.21 5.46 2.12
N LYS A 16 -8.14 5.89 1.27
CA LYS A 16 -9.56 5.63 1.49
C LYS A 16 -9.83 4.12 1.50
N GLN A 17 -9.01 3.37 0.78
CA GLN A 17 -9.15 1.92 0.70
C GLN A 17 -8.53 1.24 1.92
N VAL A 18 -7.25 1.53 2.16
CA VAL A 18 -6.54 0.95 3.28
C VAL A 18 -7.21 1.31 4.61
N LYS A 19 -7.55 2.58 4.77
CA LYS A 19 -8.20 3.06 5.98
C LYS A 19 -9.46 2.24 6.28
N TYR A 20 -10.09 1.73 5.23
CA TYR A 20 -11.30 0.93 5.38
C TYR A 20 -10.96 -0.52 5.70
N ILE A 21 -9.98 -1.06 4.97
CA ILE A 21 -9.56 -2.44 5.18
C ILE A 21 -8.95 -2.62 6.57
N MET A 22 -8.35 -1.57 7.09
CA MET A 22 -7.74 -1.62 8.41
C MET A 22 -8.77 -1.37 9.50
N ASP A 23 -9.80 -2.21 9.54
CA ASP A 23 -10.86 -2.08 10.54
C ASP A 23 -11.20 -3.44 11.15
N SER A 24 -11.29 -4.46 10.30
CA SER A 24 -11.61 -5.80 10.76
C SER A 24 -11.29 -6.84 9.68
N ASN A 25 -10.21 -6.59 8.95
CA ASN A 25 -9.78 -7.50 7.88
C ASN A 25 -8.28 -7.43 7.66
N MET A 26 -7.68 -8.56 7.31
CA MET A 26 -6.24 -8.62 7.07
C MET A 26 -5.93 -9.38 5.79
N LEU A 27 -6.38 -10.64 5.73
CA LEU A 27 -6.15 -11.48 4.56
C LEU A 27 -4.66 -11.69 4.33
N ASN A 28 -4.32 -12.26 3.17
CA ASN A 28 -2.93 -12.52 2.83
C ASN A 28 -2.36 -11.40 1.96
N LEU A 29 -2.91 -10.20 2.12
CA LEU A 29 -2.46 -9.04 1.36
C LEU A 29 -2.58 -9.31 -0.14
N PRO A 30 -3.82 -9.41 -0.63
CA PRO A 30 -4.09 -9.66 -2.04
C PRO A 30 -3.75 -8.46 -2.92
N GLN A 31 -4.24 -7.29 -2.53
CA GLN A 31 -3.98 -6.07 -3.29
C GLN A 31 -2.65 -5.45 -2.88
N PHE A 32 -2.37 -4.26 -3.39
CA PHE A 32 -1.13 -3.56 -3.09
C PHE A 32 0.08 -4.33 -3.63
N GLN A 33 0.97 -3.62 -4.29
CA GLN A 33 2.17 -4.23 -4.86
C GLN A 33 3.03 -3.19 -5.58
N HIS A 34 3.45 -2.18 -4.84
CA HIS A 34 4.29 -1.11 -5.42
C HIS A 34 5.64 -1.66 -5.85
N LEU A 35 6.37 -2.24 -4.91
CA LEU A 35 7.68 -2.81 -5.19
C LEU A 35 7.63 -3.74 -6.40
N PRO A 36 8.79 -3.96 -7.02
CA PRO A 36 8.91 -4.83 -8.20
C PRO A 36 8.70 -6.29 -7.86
N GLN A 37 9.09 -7.18 -8.78
CA GLN A 37 8.95 -8.61 -8.56
C GLN A 37 9.41 -9.01 -7.17
N GLU A 38 10.44 -8.33 -6.68
CA GLU A 38 10.98 -8.61 -5.35
C GLU A 38 10.51 -7.58 -4.34
N GLU A 39 10.35 -8.01 -3.09
CA GLU A 39 9.90 -7.12 -2.03
C GLU A 39 8.45 -6.68 -2.27
N LYS A 40 7.67 -6.63 -1.19
CA LYS A 40 6.27 -6.23 -1.28
C LYS A 40 5.61 -6.25 0.09
N MET A 41 5.25 -7.44 0.55
CA MET A 41 4.62 -7.60 1.86
C MET A 41 5.34 -6.78 2.91
N SER A 42 6.66 -6.93 2.99
CA SER A 42 7.46 -6.20 3.96
C SER A 42 7.07 -4.72 3.99
N ALA A 43 6.86 -4.15 2.82
CA ALA A 43 6.48 -2.75 2.71
C ALA A 43 5.19 -2.46 3.48
N ILE A 44 4.23 -3.39 3.37
CA ILE A 44 2.95 -3.24 4.06
C ILE A 44 3.02 -3.78 5.48
N LEU A 45 4.15 -4.40 5.83
CA LEU A 45 4.35 -4.95 7.15
C LEU A 45 5.44 -4.19 7.91
N ALA A 46 5.98 -3.16 7.28
CA ALA A 46 7.02 -2.35 7.89
C ALA A 46 6.49 -0.96 8.27
N MET A 47 5.45 -0.52 7.57
CA MET A 47 4.84 0.77 7.82
C MET A 47 4.15 0.79 9.19
N LEU A 48 3.74 -0.38 9.65
CA LEU A 48 3.07 -0.50 10.94
C LEU A 48 4.02 -0.16 12.09
N ASN A 49 5.22 -0.74 12.04
CA ASN A 49 6.23 -0.49 13.07
C ASN A 49 6.47 1.00 13.25
N SER A 50 6.58 1.71 12.14
CA SER A 50 6.83 3.15 12.17
C SER A 50 5.67 3.88 12.86
N ASN A 51 4.48 3.27 12.81
CA ASN A 51 3.30 3.86 13.43
C ASN A 51 3.21 3.46 14.90
N SER A 52 3.10 4.46 15.77
CA SER A 52 3.01 4.22 17.20
C SER A 52 4.21 3.44 17.71
N ASP A 53 5.21 4.16 18.21
CA ASP A 53 6.42 3.54 18.73
C ASP A 53 7.11 2.70 17.66
N GLY A 1 -8.27 25.92 -12.12
CA GLY A 1 -7.19 24.96 -12.10
C GLY A 1 -6.37 25.02 -10.83
N SER A 2 -6.32 23.90 -10.11
CA SER A 2 -5.56 23.84 -8.86
C SER A 2 -4.91 22.48 -8.69
N TRP A 3 -3.58 22.47 -8.75
CA TRP A 3 -2.82 21.22 -8.61
C TRP A 3 -1.62 21.43 -7.69
N GLY A 4 -1.12 20.33 -7.13
CA GLY A 4 0.03 20.41 -6.24
C GLY A 4 0.15 19.20 -5.34
N SER A 5 1.37 18.76 -5.10
CA SER A 5 1.62 17.59 -4.25
C SER A 5 2.13 18.01 -2.88
N MET A 6 2.46 17.03 -2.05
CA MET A 6 2.97 17.30 -0.71
C MET A 6 4.04 16.29 -0.32
N GLU A 7 3.63 15.03 -0.17
CA GLU A 7 4.54 13.96 0.20
C GLU A 7 5.20 14.26 1.56
N ASN A 8 4.39 14.69 2.51
CA ASN A 8 4.89 15.01 3.85
C ASN A 8 4.31 14.05 4.88
N VAL A 9 3.10 13.57 4.64
CA VAL A 9 2.44 12.65 5.55
C VAL A 9 2.98 11.24 5.37
N ASN A 10 3.20 10.54 6.49
CA ASN A 10 3.71 9.18 6.46
C ASN A 10 2.82 8.29 5.61
N TYR A 11 3.26 7.05 5.38
CA TYR A 11 2.50 6.10 4.58
C TYR A 11 1.77 5.10 5.47
N ASP A 12 2.29 4.91 6.69
CA ASP A 12 1.68 3.99 7.64
C ASP A 12 0.19 4.28 7.81
N LEU A 13 -0.19 5.53 7.63
CA LEU A 13 -1.59 5.93 7.76
C LEU A 13 -2.36 5.64 6.48
N LEU A 14 -1.70 5.87 5.34
CA LEU A 14 -2.33 5.63 4.04
C LEU A 14 -2.61 4.14 3.85
N GLN A 15 -1.74 3.30 4.39
CA GLN A 15 -1.90 1.85 4.27
C GLN A 15 -3.29 1.42 4.70
N LYS A 16 -3.79 2.00 5.78
CA LYS A 16 -5.12 1.68 6.29
C LYS A 16 -6.19 2.01 5.26
N GLN A 17 -6.05 3.16 4.62
CA GLN A 17 -7.00 3.59 3.61
C GLN A 17 -7.01 2.63 2.42
N VAL A 18 -5.85 2.48 1.78
CA VAL A 18 -5.72 1.60 0.62
C VAL A 18 -6.20 0.19 0.96
N LYS A 19 -5.95 -0.24 2.19
CA LYS A 19 -6.35 -1.56 2.64
C LYS A 19 -7.87 -1.70 2.66
N TYR A 20 -8.55 -0.56 2.80
CA TYR A 20 -10.02 -0.55 2.83
C TYR A 20 -10.58 -0.24 1.45
N ILE A 21 -9.84 0.52 0.67
CA ILE A 21 -10.27 0.89 -0.68
C ILE A 21 -9.97 -0.22 -1.67
N MET A 22 -9.05 -1.11 -1.30
CA MET A 22 -8.68 -2.22 -2.17
C MET A 22 -9.90 -2.99 -2.64
N ASP A 23 -10.94 -3.00 -1.81
CA ASP A 23 -12.18 -3.69 -2.15
C ASP A 23 -13.37 -3.06 -1.44
N SER A 24 -13.48 -3.31 -0.13
CA SER A 24 -14.58 -2.77 0.66
C SER A 24 -14.46 -3.20 2.12
N ASN A 25 -13.22 -3.33 2.60
CA ASN A 25 -12.97 -3.74 3.97
C ASN A 25 -11.48 -3.79 4.26
N MET A 26 -11.13 -3.81 5.54
CA MET A 26 -9.73 -3.87 5.94
C MET A 26 -9.33 -5.28 6.35
N LEU A 27 -8.62 -5.97 5.47
CA LEU A 27 -8.18 -7.33 5.73
C LEU A 27 -6.65 -7.43 5.65
N ASN A 28 -5.97 -6.30 5.83
CA ASN A 28 -4.52 -6.27 5.78
C ASN A 28 -4.01 -6.93 4.50
N LEU A 29 -4.41 -6.37 3.36
CA LEU A 29 -3.98 -6.90 2.07
C LEU A 29 -4.26 -8.40 1.97
N PRO A 30 -5.52 -8.75 1.69
CA PRO A 30 -5.94 -10.15 1.57
C PRO A 30 -5.38 -10.82 0.32
N GLN A 31 -4.75 -10.02 -0.54
CA GLN A 31 -4.16 -10.53 -1.77
C GLN A 31 -2.65 -10.70 -1.63
N PHE A 32 -2.24 -11.62 -0.75
CA PHE A 32 -0.83 -11.88 -0.52
C PHE A 32 -0.50 -13.35 -0.74
N GLN A 33 0.74 -13.63 -1.11
CA GLN A 33 1.18 -15.00 -1.34
C GLN A 33 2.64 -15.03 -1.77
N HIS A 34 3.44 -14.13 -1.21
CA HIS A 34 4.86 -14.06 -1.52
C HIS A 34 5.71 -14.03 -0.25
N LEU A 35 5.75 -12.87 0.39
CA LEU A 35 6.52 -12.70 1.62
C LEU A 35 7.90 -13.33 1.48
N PRO A 36 8.83 -12.58 0.87
CA PRO A 36 10.21 -13.03 0.66
C PRO A 36 11.00 -13.11 1.97
N GLN A 37 10.53 -12.40 2.98
CA GLN A 37 11.18 -12.39 4.28
C GLN A 37 10.43 -11.49 5.27
N GLU A 38 10.59 -10.18 5.10
CA GLU A 38 9.94 -9.22 5.99
C GLU A 38 9.18 -8.17 5.18
N GLU A 39 8.93 -8.48 3.91
CA GLU A 39 8.21 -7.57 3.03
C GLU A 39 6.71 -7.82 3.08
N LYS A 40 6.03 -7.12 3.96
CA LYS A 40 4.58 -7.27 4.12
C LYS A 40 3.86 -5.97 3.76
N MET A 41 2.60 -6.09 3.38
CA MET A 41 1.80 -4.93 3.00
C MET A 41 2.42 -4.19 1.82
N SER A 42 3.34 -3.28 2.12
CA SER A 42 4.01 -2.51 1.07
C SER A 42 4.48 -3.42 -0.05
N ALA A 43 4.78 -4.67 0.28
CA ALA A 43 5.23 -5.65 -0.71
C ALA A 43 4.32 -5.65 -1.94
N ILE A 44 3.02 -5.68 -1.69
CA ILE A 44 2.04 -5.69 -2.77
C ILE A 44 1.86 -4.30 -3.37
N LEU A 45 2.24 -3.28 -2.60
CA LEU A 45 2.13 -1.90 -3.06
C LEU A 45 3.28 -1.54 -4.00
N ALA A 46 4.41 -2.20 -3.82
CA ALA A 46 5.58 -1.95 -4.65
C ALA A 46 5.47 -2.67 -6.00
N MET A 47 4.70 -3.76 -6.01
CA MET A 47 4.51 -4.54 -7.22
C MET A 47 3.77 -3.73 -8.27
N LEU A 48 2.94 -2.79 -7.82
CA LEU A 48 2.17 -1.94 -8.72
C LEU A 48 3.07 -0.90 -9.38
N ASN A 49 4.16 -0.55 -8.71
CA ASN A 49 5.09 0.45 -9.22
C ASN A 49 5.97 -0.16 -10.32
N SER A 50 6.80 -1.13 -9.96
CA SER A 50 7.68 -1.78 -10.91
C SER A 50 6.92 -2.82 -11.74
N ASN A 51 7.65 -3.55 -12.57
CA ASN A 51 7.05 -4.58 -13.41
C ASN A 51 5.96 -3.99 -14.30
N SER A 52 6.34 -3.07 -15.18
CA SER A 52 5.40 -2.42 -16.07
C SER A 52 5.73 -2.73 -17.53
N ASP A 53 4.72 -3.11 -18.30
CA ASP A 53 4.91 -3.44 -19.71
C ASP A 53 5.58 -2.28 -20.45
N GLY A 1 -13.18 23.40 6.23
CA GLY A 1 -11.94 23.31 5.48
C GLY A 1 -12.09 22.49 4.22
N SER A 2 -11.25 22.77 3.22
CA SER A 2 -11.30 22.06 1.95
C SER A 2 -10.83 20.62 2.12
N TRP A 3 -9.52 20.44 2.32
CA TRP A 3 -8.94 19.11 2.49
C TRP A 3 -7.48 19.21 2.92
N GLY A 4 -6.77 20.18 2.35
CA GLY A 4 -5.37 20.36 2.69
C GLY A 4 -4.59 21.03 1.57
N SER A 5 -3.38 20.54 1.32
CA SER A 5 -2.53 21.10 0.27
C SER A 5 -1.99 20.01 -0.64
N MET A 6 -2.76 18.92 -0.76
CA MET A 6 -2.36 17.80 -1.61
C MET A 6 -3.56 17.18 -2.30
N GLU A 7 -3.79 17.58 -3.56
CA GLU A 7 -4.92 17.07 -4.33
C GLU A 7 -4.67 15.62 -4.75
N ASN A 8 -3.56 15.39 -5.43
CA ASN A 8 -3.21 14.06 -5.91
C ASN A 8 -1.86 14.07 -6.61
N VAL A 9 -1.15 12.94 -6.54
CA VAL A 9 0.16 12.82 -7.17
C VAL A 9 0.26 11.53 -7.97
N ASN A 10 0.17 10.40 -7.27
CA ASN A 10 0.25 9.09 -7.92
C ASN A 10 -0.06 7.98 -6.93
N TYR A 11 0.63 7.99 -5.80
CA TYR A 11 0.42 6.98 -4.77
C TYR A 11 -0.41 7.53 -3.61
N ASP A 12 -0.39 8.85 -3.47
CA ASP A 12 -1.15 9.50 -2.40
C ASP A 12 -2.60 9.05 -2.42
N LEU A 13 -3.10 8.72 -3.60
CA LEU A 13 -4.48 8.27 -3.75
C LEU A 13 -4.62 6.80 -3.39
N LEU A 14 -3.63 6.00 -3.78
CA LEU A 14 -3.64 4.57 -3.50
C LEU A 14 -3.50 4.31 -2.00
N GLN A 15 -2.59 5.04 -1.36
CA GLN A 15 -2.36 4.89 0.07
C GLN A 15 -3.67 5.04 0.85
N LYS A 16 -4.37 6.14 0.61
CA LYS A 16 -5.64 6.40 1.29
C LYS A 16 -6.60 5.23 1.12
N GLN A 17 -6.50 4.55 -0.02
CA GLN A 17 -7.36 3.41 -0.31
C GLN A 17 -6.92 2.18 0.48
N VAL A 18 -5.65 1.82 0.35
CA VAL A 18 -5.10 0.68 1.06
C VAL A 18 -5.37 0.76 2.55
N LYS A 19 -5.13 1.94 3.14
CA LYS A 19 -5.37 2.14 4.56
C LYS A 19 -6.81 1.79 4.94
N TYR A 20 -7.71 1.94 3.97
CA TYR A 20 -9.12 1.63 4.21
C TYR A 20 -9.40 0.15 3.99
N ILE A 21 -8.73 -0.44 3.00
CA ILE A 21 -8.91 -1.85 2.68
C ILE A 21 -8.31 -2.73 3.77
N MET A 22 -7.22 -2.26 4.36
CA MET A 22 -6.55 -3.01 5.42
C MET A 22 -7.53 -3.41 6.52
N ASP A 23 -8.35 -2.46 6.95
CA ASP A 23 -9.33 -2.70 7.99
C ASP A 23 -10.37 -3.72 7.53
N SER A 24 -10.59 -3.77 6.22
CA SER A 24 -11.56 -4.70 5.64
C SER A 24 -11.09 -6.14 5.80
N ASN A 25 -9.77 -6.33 5.78
CA ASN A 25 -9.19 -7.66 5.90
C ASN A 25 -7.70 -7.57 6.21
N MET A 26 -7.32 -7.96 7.42
CA MET A 26 -5.92 -7.92 7.83
C MET A 26 -5.36 -9.33 7.98
N LEU A 27 -5.36 -10.08 6.88
CA LEU A 27 -4.85 -11.45 6.89
C LEU A 27 -3.47 -11.51 6.26
N ASN A 28 -2.52 -10.80 6.86
CA ASN A 28 -1.15 -10.78 6.36
C ASN A 28 -1.10 -10.23 4.94
N LEU A 29 -1.70 -9.07 4.74
CA LEU A 29 -1.72 -8.44 3.42
C LEU A 29 -2.28 -9.40 2.37
N PRO A 30 -3.57 -9.73 2.51
CA PRO A 30 -4.25 -10.64 1.58
C PRO A 30 -4.47 -10.00 0.20
N GLN A 31 -4.88 -8.74 0.20
CA GLN A 31 -5.13 -8.02 -1.04
C GLN A 31 -4.04 -8.31 -2.06
N PHE A 32 -2.87 -7.71 -1.87
CA PHE A 32 -1.74 -7.90 -2.78
C PHE A 32 -1.08 -9.26 -2.54
N GLN A 33 -0.71 -9.92 -3.63
CA GLN A 33 -0.07 -11.23 -3.55
C GLN A 33 0.41 -11.69 -4.92
N HIS A 34 1.35 -10.94 -5.50
CA HIS A 34 1.89 -11.28 -6.80
C HIS A 34 2.96 -12.36 -6.69
N LEU A 35 3.66 -12.37 -5.56
CA LEU A 35 4.72 -13.35 -5.32
C LEU A 35 4.16 -14.77 -5.40
N PRO A 36 5.06 -15.74 -5.64
CA PRO A 36 4.68 -17.16 -5.74
C PRO A 36 4.27 -17.74 -4.40
N GLN A 37 3.23 -17.18 -3.80
CA GLN A 37 2.73 -17.65 -2.52
C GLN A 37 3.89 -17.92 -1.55
N GLU A 38 4.44 -16.85 -0.99
CA GLU A 38 5.56 -16.98 -0.05
C GLU A 38 5.99 -15.61 0.46
N GLU A 39 6.62 -14.83 -0.42
CA GLU A 39 7.10 -13.50 -0.06
C GLU A 39 5.95 -12.51 -0.04
N LYS A 40 4.96 -12.77 0.81
CA LYS A 40 3.80 -11.89 0.92
C LYS A 40 3.93 -10.96 2.12
N MET A 41 3.21 -9.85 2.09
CA MET A 41 3.25 -8.88 3.19
C MET A 41 4.59 -8.14 3.21
N SER A 42 5.65 -8.87 3.56
CA SER A 42 6.99 -8.28 3.64
C SER A 42 7.28 -7.46 2.40
N ALA A 43 6.97 -8.01 1.23
CA ALA A 43 7.20 -7.32 -0.03
C ALA A 43 6.65 -5.91 0.01
N ILE A 44 5.45 -5.75 0.57
CA ILE A 44 4.82 -4.45 0.68
C ILE A 44 5.37 -3.66 1.85
N LEU A 45 5.94 -4.36 2.83
CA LEU A 45 6.51 -3.71 4.01
C LEU A 45 7.87 -3.12 3.69
N ALA A 46 8.56 -3.71 2.72
CA ALA A 46 9.88 -3.24 2.32
C ALA A 46 9.78 -1.94 1.53
N MET A 47 8.63 -1.72 0.89
CA MET A 47 8.40 -0.52 0.11
C MET A 47 8.40 0.72 1.00
N LEU A 48 8.05 0.52 2.26
CA LEU A 48 8.01 1.62 3.22
C LEU A 48 9.41 1.97 3.72
N ASN A 49 10.16 0.95 4.10
CA ASN A 49 11.52 1.14 4.59
C ASN A 49 12.35 1.95 3.60
N SER A 50 12.27 1.59 2.33
CA SER A 50 13.01 2.27 1.28
C SER A 50 12.32 2.11 -0.07
N ASN A 51 12.63 3.02 -1.00
CA ASN A 51 12.04 2.98 -2.33
C ASN A 51 13.12 3.00 -3.41
N SER A 52 12.81 2.45 -4.57
CA SER A 52 13.75 2.40 -5.67
C SER A 52 13.04 2.13 -6.99
N ASP A 53 12.12 3.02 -7.36
CA ASP A 53 11.37 2.88 -8.60
C ASP A 53 11.47 4.14 -9.45
#